data_8SUY
#
_entry.id   8SUY
#
_cell.length_a   1.00
_cell.length_b   1.00
_cell.length_c   1.00
_cell.angle_alpha   90.00
_cell.angle_beta   90.00
_cell.angle_gamma   90.00
#
_symmetry.space_group_name_H-M   'P 1'
#
loop_
_entity.id
_entity.type
_entity.pdbx_description
1 polymer 'Nuclear cap-binding protein subunit 1'
2 polymer 'Nuclear cap-binding protein subunit 2'
3 non-polymer "7N-METHYL-8-HYDROGUANOSINE-5'-DIPHOSPHATE"
#
loop_
_entity_poly.entity_id
_entity_poly.type
_entity_poly.pdbx_seq_one_letter_code
_entity_poly.pdbx_strand_id
1 'polypeptide(L)'
;MSRRRHSDENDGGQPHKRRKTSDANETEDHLESLICKVGEKSACSLESNLEGLAGVLEADLPNYKSKILRLLCTVARLLP
EKLTIYTTLVGLLNARNYNFGGEFVEAMIRQLKESLKANNYNEAVYLVRFLSDLVNCHVIAAPSMVAMFENFVSVTQEED
VPQVRRDWYVYAFLSSLPWVGKELYEKKDAEMDRIFANTESYLKRRQKTHVPMLQVWTADKPHPQEEYLDCLWAQIQKLK
KDRWQERHILRPYLAFDSILCEALQHNLPPFTPPPHTEDSVYPMPRVIFRMFDYTDDPEGPVMPGSHSVERFVIEENLHC
IIKSHWKERKTCAAQLVSYPGKNKIPLNYHIVEVIFAELFQLPAPPHIDVMYTTLLIELCKLQPGSLPQVLAQATEMLYM
RLDTMNTTCVDRFINWFSHHLSNFQFRWSWEDWSDCLSQDPESPKPKFVREVLEKCMRLSYHQRILDIVPPTFSALCPAN
PTCIYKYGDESSNSLPGHSVALCLAVAFKSKATNDEIFSILKDVPNPNQDDDDDEGFSFNPLKIEVFVQTLLHLAAKSFS
HSFSALAKFHEVFKTLAESDEGKLHVLRVMFEVWRNHPQMIAVLVDKMIRTQIVDCAAVANWIFSSELSRDFTRLFVWEI
LHSTIRKMNKHVLKIQKELEEAKEKLARQHKRRSDDDDRSSDRKDGVLEEQIERLQEKVESAQSEQKNLFLVIFQRFIMI
LTEHLVRCETDGTSVLTPWYKNCIERLQQIFLQHHQIIQQYMVTLENLLFTAELDPHILAVFQQFCALQA
;
A
2 'polypeptide(L)'
;MSGGLLKALRSDSYVELSQYRDQHFRGDNEEQEKLLKKSCTLYVGNLSFYTTEEQIYELFSKSGDIKKIIMGLDKMKKTA
CGFCFVEYYSRADAENAMRYINGTRLDDRIIRTDWDAGFKEGRQYGRGRSGGQVRDEYRQDYDAGRGGYGKLAQNQ
;
B
#
# COMPACT_ATOMS: atom_id res chain seq x y z
N THR A 27 -22.62 23.58 24.64
CA THR A 27 -22.75 22.26 24.04
C THR A 27 -22.37 22.28 22.57
N GLU A 28 -21.54 23.27 22.19
CA GLU A 28 -21.11 23.37 20.80
C GLU A 28 -20.30 22.15 20.39
N ASP A 29 -19.44 21.65 21.28
CA ASP A 29 -18.70 20.42 21.03
C ASP A 29 -19.53 19.18 21.34
N HIS A 30 -20.66 19.32 22.03
CA HIS A 30 -21.47 18.17 22.42
C HIS A 30 -22.28 17.62 21.25
N LEU A 31 -22.71 18.49 20.32
CA LEU A 31 -23.62 18.06 19.26
C LEU A 31 -22.98 17.01 18.37
N GLU A 32 -21.76 17.25 17.90
CA GLU A 32 -21.11 16.29 17.02
C GLU A 32 -20.79 14.99 17.74
N SER A 33 -20.56 15.05 19.05
CA SER A 33 -20.27 13.84 19.81
C SER A 33 -21.48 12.91 19.85
N LEU A 34 -22.65 13.45 20.22
CA LEU A 34 -23.83 12.61 20.34
C LEU A 34 -24.32 12.13 18.98
N ILE A 35 -24.00 12.86 17.91
CA ILE A 35 -24.36 12.40 16.57
C ILE A 35 -23.62 11.12 16.23
N CYS A 36 -22.35 11.02 16.62
CA CYS A 36 -21.59 9.81 16.37
C CYS A 36 -21.93 8.68 17.34
N LYS A 37 -22.53 8.99 18.49
CA LYS A 37 -22.82 7.97 19.48
C LYS A 37 -24.03 7.11 19.14
N VAL A 38 -24.91 7.57 18.25
CA VAL A 38 -26.16 6.85 18.01
C VAL A 38 -25.88 5.48 17.39
N GLY A 39 -24.95 5.42 16.45
CA GLY A 39 -24.67 4.15 15.79
C GLY A 39 -24.10 3.11 16.72
N GLU A 40 -23.20 3.51 17.62
CA GLU A 40 -22.59 2.58 18.55
C GLU A 40 -23.62 2.02 19.52
N LYS A 41 -23.53 0.73 19.78
CA LYS A 41 -24.44 0.03 20.70
C LYS A 41 -25.91 0.23 20.33
N SER A 45 -32.27 -1.00 21.63
CA SER A 45 -32.76 0.31 22.04
C SER A 45 -32.31 1.39 21.06
N LEU A 46 -31.87 0.94 19.87
CA LEU A 46 -31.41 1.89 18.86
C LEU A 46 -32.55 2.79 18.39
N GLU A 47 -33.74 2.21 18.18
CA GLU A 47 -34.88 3.01 17.76
C GLU A 47 -35.27 4.03 18.83
N SER A 48 -35.25 3.60 20.10
CA SER A 48 -35.50 4.55 21.19
C SER A 48 -34.40 5.61 21.23
N ASN A 49 -33.16 5.21 20.94
CA ASN A 49 -32.07 6.18 20.88
C ASN A 49 -32.31 7.18 19.75
N LEU A 50 -32.81 6.72 18.61
CA LEU A 50 -33.13 7.63 17.51
C LEU A 50 -34.21 8.61 17.90
N GLU A 51 -35.26 8.13 18.59
CA GLU A 51 -36.36 9.00 18.98
C GLU A 51 -35.88 10.11 19.90
N GLY A 52 -35.05 9.78 20.89
CA GLY A 52 -34.51 10.80 21.76
C GLY A 52 -33.61 11.78 21.06
N LEU A 53 -32.87 11.31 20.05
CA LEU A 53 -31.96 12.19 19.32
C LEU A 53 -32.71 13.27 18.57
N ALA A 54 -33.90 12.95 18.05
CA ALA A 54 -34.69 13.97 17.37
C ALA A 54 -35.10 15.08 18.33
N GLY A 55 -35.48 14.73 19.55
CA GLY A 55 -35.92 15.73 20.50
C GLY A 55 -34.83 16.73 20.86
N VAL A 56 -33.63 16.22 21.17
CA VAL A 56 -32.53 17.11 21.55
C VAL A 56 -32.11 17.98 20.39
N LEU A 57 -32.14 17.43 19.16
CA LEU A 57 -31.80 18.22 17.99
C LEU A 57 -32.80 19.35 17.77
N GLU A 58 -34.08 19.10 18.05
CA GLU A 58 -35.10 20.13 17.87
C GLU A 58 -34.90 21.29 18.84
N ALA A 59 -34.43 21.01 20.05
CA ALA A 59 -34.33 22.06 21.07
C ALA A 59 -33.41 23.18 20.65
N ASP A 60 -32.24 22.84 20.11
CA ASP A 60 -31.25 23.81 19.68
C ASP A 60 -31.22 24.01 18.18
N LEU A 61 -32.22 23.50 17.47
CA LEU A 61 -32.27 23.68 16.02
C LEU A 61 -32.34 25.14 15.59
N PRO A 62 -33.20 26.00 16.18
CA PRO A 62 -33.32 27.38 15.64
C PRO A 62 -32.02 28.16 15.65
N ASN A 63 -31.18 28.00 16.67
CA ASN A 63 -29.95 28.78 16.77
C ASN A 63 -28.72 28.06 16.25
N TYR A 64 -28.79 26.74 16.06
CA TYR A 64 -27.66 25.96 15.58
C TYR A 64 -27.97 25.25 14.25
N LYS A 65 -28.95 25.75 13.50
CA LYS A 65 -29.37 25.06 12.29
C LYS A 65 -28.23 24.96 11.28
N SER A 66 -27.47 26.05 11.11
CA SER A 66 -26.37 26.02 10.15
C SER A 66 -25.32 25.00 10.54
N LYS A 67 -24.98 24.93 11.83
CA LYS A 67 -23.98 23.97 12.27
C LYS A 67 -24.49 22.54 12.18
N ILE A 68 -25.78 22.33 12.47
CA ILE A 68 -26.35 20.99 12.39
C ILE A 68 -26.32 20.48 10.96
N LEU A 69 -26.63 21.35 9.99
CA LEU A 69 -26.56 20.95 8.58
C LEU A 69 -25.17 20.51 8.20
N ARG A 70 -24.15 21.23 8.66
CA ARG A 70 -22.77 20.85 8.37
C ARG A 70 -22.45 19.49 8.94
N LEU A 71 -22.87 19.21 10.17
CA LEU A 71 -22.55 17.93 10.79
C LEU A 71 -23.23 16.78 10.06
N LEU A 72 -24.51 16.93 9.75
CA LEU A 72 -25.23 15.86 9.05
C LEU A 72 -24.66 15.65 7.66
N CYS A 73 -24.30 16.73 6.96
CA CYS A 73 -23.75 16.60 5.63
C CYS A 73 -22.42 15.86 5.64
N THR A 74 -21.56 16.18 6.61
CA THR A 74 -20.26 15.51 6.69
C THR A 74 -20.42 14.03 7.01
N VAL A 75 -21.24 13.69 8.00
CA VAL A 75 -21.40 12.30 8.38
C VAL A 75 -22.08 11.49 7.29
N ALA A 76 -22.80 12.14 6.38
CA ALA A 76 -23.41 11.42 5.27
C ALA A 76 -22.35 10.78 4.37
N ARG A 77 -21.25 11.50 4.12
CA ARG A 77 -20.19 10.98 3.28
C ARG A 77 -19.05 10.35 4.08
N LEU A 78 -18.80 10.81 5.30
CA LEU A 78 -17.71 10.25 6.08
C LEU A 78 -18.06 8.90 6.67
N LEU A 79 -19.34 8.63 6.92
CA LEU A 79 -19.78 7.41 7.60
C LEU A 79 -20.83 6.69 6.77
N PRO A 80 -20.42 6.02 5.69
CA PRO A 80 -21.38 5.23 4.91
C PRO A 80 -21.68 3.88 5.51
N GLU A 81 -20.98 3.49 6.58
CA GLU A 81 -21.19 2.17 7.17
C GLU A 81 -22.60 2.04 7.73
N LYS A 82 -23.13 3.13 8.29
CA LYS A 82 -24.45 3.14 8.91
C LYS A 82 -25.28 4.29 8.37
N LEU A 83 -25.31 4.42 7.04
CA LEU A 83 -26.07 5.50 6.43
C LEU A 83 -27.57 5.33 6.69
N THR A 84 -28.03 4.09 6.82
CA THR A 84 -29.45 3.87 7.13
C THR A 84 -29.81 4.43 8.49
N ILE A 85 -28.88 4.39 9.44
CA ILE A 85 -29.13 4.96 10.75
C ILE A 85 -29.36 6.46 10.65
N TYR A 86 -28.50 7.15 9.91
CA TYR A 86 -28.59 8.60 9.83
C TYR A 86 -29.74 9.07 8.94
N THR A 87 -30.14 8.27 7.96
CA THR A 87 -31.29 8.65 7.14
C THR A 87 -32.56 8.72 7.98
N THR A 88 -32.75 7.75 8.88
CA THR A 88 -33.90 7.81 9.78
C THR A 88 -33.83 9.05 10.66
N LEU A 89 -32.62 9.46 11.06
CA LEU A 89 -32.47 10.68 11.84
C LEU A 89 -32.96 11.89 11.04
N VAL A 90 -32.61 11.95 9.76
CA VAL A 90 -33.11 13.04 8.92
C VAL A 90 -34.61 12.95 8.76
N GLY A 91 -35.14 11.74 8.58
CA GLY A 91 -36.57 11.58 8.41
C GLY A 91 -37.35 12.06 9.62
N LEU A 92 -36.90 11.70 10.82
CA LEU A 92 -37.58 12.16 12.03
C LEU A 92 -37.52 13.68 12.14
N LEU A 93 -36.35 14.27 11.88
CA LEU A 93 -36.24 15.72 11.91
C LEU A 93 -37.10 16.36 10.84
N ASN A 94 -37.13 15.77 9.64
CA ASN A 94 -37.97 16.30 8.58
C ASN A 94 -39.44 16.19 8.94
N ALA A 95 -39.83 15.07 9.56
CA ALA A 95 -41.23 14.90 9.95
C ALA A 95 -41.65 15.96 10.96
N ARG A 96 -40.80 16.25 11.94
CA ARG A 96 -41.14 17.26 12.93
C ARG A 96 -41.02 18.66 12.37
N ASN A 97 -40.05 18.89 11.48
CA ASN A 97 -39.85 20.20 10.87
C ASN A 97 -39.68 19.99 9.37
N TYR A 98 -40.72 20.33 8.60
CA TYR A 98 -40.63 20.25 7.15
C TYR A 98 -39.60 21.22 6.60
N ASN A 99 -39.51 22.42 7.21
CA ASN A 99 -38.58 23.42 6.73
C ASN A 99 -37.13 22.95 6.88
N PHE A 100 -36.83 22.16 7.92
CA PHE A 100 -35.47 21.68 8.11
C PHE A 100 -35.03 20.81 6.94
N GLY A 101 -35.90 19.94 6.45
CA GLY A 101 -35.56 19.10 5.31
C GLY A 101 -35.42 19.86 4.01
N GLY A 102 -35.94 21.08 3.96
CA GLY A 102 -35.85 21.88 2.75
C GLY A 102 -34.43 22.25 2.37
N GLU A 103 -33.76 23.02 3.23
CA GLU A 103 -32.41 23.46 2.91
C GLU A 103 -31.40 22.33 3.04
N PHE A 104 -31.69 21.32 3.88
CA PHE A 104 -30.75 20.22 4.06
C PHE A 104 -30.51 19.49 2.74
N VAL A 105 -31.59 19.20 2.01
CA VAL A 105 -31.45 18.58 0.70
C VAL A 105 -30.71 19.50 -0.25
N GLU A 106 -31.07 20.79 -0.24
CA GLU A 106 -30.38 21.76 -1.08
C GLU A 106 -28.91 21.87 -0.72
N ALA A 107 -28.61 21.90 0.59
CA ALA A 107 -27.22 21.91 1.02
C ALA A 107 -26.50 20.62 0.62
N MET A 108 -27.21 19.49 0.70
CA MET A 108 -26.61 18.22 0.31
C MET A 108 -26.24 18.20 -1.16
N ILE A 109 -27.10 18.76 -2.01
CA ILE A 109 -26.81 18.81 -3.44
C ILE A 109 -25.56 19.64 -3.71
N ARG A 110 -25.44 20.79 -3.03
CA ARG A 110 -24.26 21.63 -3.23
C ARG A 110 -23.00 20.89 -2.84
N GLN A 111 -23.05 20.12 -1.75
CA GLN A 111 -21.91 19.28 -1.40
C GLN A 111 -21.60 18.27 -2.49
N LEU A 112 -22.64 17.62 -3.03
CA LEU A 112 -22.43 16.72 -4.16
C LEU A 112 -21.93 17.46 -5.38
N LYS A 113 -22.49 18.65 -5.64
CA LYS A 113 -22.10 19.41 -6.82
C LYS A 113 -20.64 19.80 -6.76
N GLU A 114 -20.16 20.26 -5.61
CA GLU A 114 -18.76 20.65 -5.50
C GLU A 114 -17.83 19.44 -5.41
N SER A 115 -18.30 18.34 -4.83
CA SER A 115 -17.45 17.16 -4.71
C SER A 115 -17.08 16.61 -6.07
N LEU A 116 -18.03 16.58 -7.01
CA LEU A 116 -17.73 16.15 -8.36
C LEU A 116 -16.71 17.07 -9.02
N LYS A 117 -16.85 18.38 -8.79
CA LYS A 117 -15.89 19.33 -9.34
C LYS A 117 -14.48 19.08 -8.81
N ALA A 118 -14.37 18.56 -7.60
CA ALA A 118 -13.07 18.24 -7.02
C ALA A 118 -12.57 16.85 -7.41
N ASN A 119 -13.29 16.14 -8.28
CA ASN A 119 -12.92 14.82 -8.74
C ASN A 119 -12.79 13.83 -7.58
N ASN A 120 -13.55 14.05 -6.51
CA ASN A 120 -13.54 13.17 -5.35
C ASN A 120 -14.76 12.26 -5.44
N TYR A 121 -14.68 11.30 -6.35
CA TYR A 121 -15.81 10.43 -6.64
C TYR A 121 -15.99 9.31 -5.62
N ASN A 122 -15.00 9.05 -4.77
CA ASN A 122 -15.11 7.95 -3.82
C ASN A 122 -16.24 8.18 -2.84
N GLU A 123 -16.41 9.41 -2.36
CA GLU A 123 -17.52 9.73 -1.48
C GLU A 123 -18.73 10.29 -2.22
N ALA A 124 -18.59 10.59 -3.51
CA ALA A 124 -19.75 11.03 -4.28
C ALA A 124 -20.79 9.93 -4.35
N VAL A 125 -20.36 8.69 -4.53
CA VAL A 125 -21.30 7.58 -4.52
C VAL A 125 -21.91 7.41 -3.14
N TYR A 126 -21.16 7.72 -2.08
CA TYR A 126 -21.74 7.68 -0.74
C TYR A 126 -22.86 8.69 -0.60
N LEU A 127 -22.69 9.88 -1.18
CA LEU A 127 -23.73 10.90 -1.11
C LEU A 127 -24.98 10.45 -1.86
N VAL A 128 -24.82 9.98 -3.10
CA VAL A 128 -25.99 9.61 -3.89
C VAL A 128 -26.71 8.42 -3.26
N ARG A 129 -25.97 7.54 -2.57
CA ARG A 129 -26.63 6.51 -1.78
C ARG A 129 -27.45 7.13 -0.66
N PHE A 130 -26.90 8.15 -0.02
CA PHE A 130 -27.62 8.79 1.09
C PHE A 130 -28.91 9.42 0.61
N LEU A 131 -28.89 10.07 -0.56
CA LEU A 131 -30.12 10.61 -1.12
C LEU A 131 -31.12 9.51 -1.43
N SER A 132 -30.63 8.39 -1.99
CA SER A 132 -31.53 7.31 -2.39
C SER A 132 -32.27 6.73 -1.19
N ASP A 133 -31.57 6.56 -0.08
CA ASP A 133 -32.22 6.00 1.11
C ASP A 133 -33.23 6.97 1.71
N LEU A 134 -33.11 8.26 1.43
CA LEU A 134 -34.02 9.23 2.03
C LEU A 134 -35.46 9.03 1.57
N VAL A 135 -35.66 8.54 0.34
CA VAL A 135 -37.03 8.32 -0.14
C VAL A 135 -37.73 7.27 0.72
N ASN A 136 -36.98 6.36 1.33
CA ASN A 136 -37.57 5.43 2.27
C ASN A 136 -38.11 6.15 3.49
N CYS A 137 -37.41 7.20 3.93
CA CYS A 137 -37.86 8.04 5.03
C CYS A 137 -38.84 9.12 4.59
N HIS A 138 -39.30 9.06 3.34
CA HIS A 138 -40.28 9.98 2.77
C HIS A 138 -39.78 11.42 2.73
N VAL A 139 -38.48 11.63 2.91
CA VAL A 139 -37.93 12.98 2.79
C VAL A 139 -37.94 13.43 1.32
N ILE A 140 -37.65 12.53 0.40
CA ILE A 140 -37.48 12.84 -1.01
C ILE A 140 -38.67 12.29 -1.78
N ALA A 141 -39.19 13.10 -2.70
CA ALA A 141 -40.23 12.64 -3.59
C ALA A 141 -39.66 11.59 -4.55
N ALA A 142 -40.36 10.47 -4.68
CA ALA A 142 -39.89 9.39 -5.55
C ALA A 142 -39.75 9.82 -7.00
N PRO A 143 -40.73 10.49 -7.63
CA PRO A 143 -40.54 10.88 -9.04
C PRO A 143 -39.33 11.76 -9.27
N SER A 144 -39.01 12.65 -8.33
CA SER A 144 -37.83 13.49 -8.49
C SER A 144 -36.56 12.67 -8.52
N MET A 145 -36.48 11.64 -7.66
CA MET A 145 -35.28 10.81 -7.62
C MET A 145 -35.09 10.06 -8.93
N VAL A 146 -36.19 9.62 -9.55
CA VAL A 146 -36.08 8.93 -10.83
C VAL A 146 -35.47 9.84 -11.89
N ALA A 147 -35.93 11.10 -11.94
CA ALA A 147 -35.34 12.04 -12.89
C ALA A 147 -33.88 12.30 -12.57
N MET A 148 -33.50 12.23 -11.30
CA MET A 148 -32.08 12.35 -10.94
C MET A 148 -31.27 11.22 -11.57
N PHE A 149 -31.78 9.99 -11.50
CA PHE A 149 -31.05 8.86 -12.05
C PHE A 149 -31.07 8.88 -13.57
N GLU A 150 -32.09 9.49 -14.17
CA GLU A 150 -32.15 9.57 -15.63
C GLU A 150 -30.95 10.33 -16.17
N ASN A 151 -30.58 11.43 -15.51
CA ASN A 151 -29.40 12.19 -15.93
C ASN A 151 -28.14 11.37 -15.76
N PHE A 152 -28.04 10.61 -14.67
CA PHE A 152 -26.87 9.77 -14.44
C PHE A 152 -26.71 8.74 -15.56
N VAL A 153 -27.81 8.07 -15.92
CA VAL A 153 -27.74 7.07 -16.99
C VAL A 153 -27.52 7.75 -18.33
N SER A 154 -28.09 8.93 -18.53
CA SER A 154 -27.95 9.62 -19.81
C SER A 154 -26.52 10.03 -20.11
N VAL A 155 -25.63 9.96 -19.13
CA VAL A 155 -24.21 10.28 -19.38
C VAL A 155 -23.63 9.34 -20.43
N THR A 156 -24.12 8.11 -20.49
CA THR A 156 -23.62 7.17 -21.49
C THR A 156 -23.89 7.64 -22.91
N GLN A 157 -24.86 8.53 -23.10
CA GLN A 157 -25.14 9.06 -24.42
C GLN A 157 -24.16 10.14 -24.85
N GLU A 158 -23.35 10.65 -23.93
CA GLU A 158 -22.34 11.63 -24.28
C GLU A 158 -21.25 11.00 -25.13
N GLU A 159 -20.70 11.78 -26.04
CA GLU A 159 -19.64 11.33 -26.94
C GLU A 159 -18.31 11.98 -26.54
N ASP A 160 -17.25 11.53 -27.21
CA ASP A 160 -15.87 11.98 -27.00
C ASP A 160 -15.53 12.09 -25.52
N VAL A 161 -16.10 11.20 -24.71
CA VAL A 161 -15.89 11.21 -23.27
C VAL A 161 -15.30 9.85 -22.87
N PRO A 162 -14.32 9.82 -21.97
CA PRO A 162 -13.69 8.54 -21.62
C PRO A 162 -14.71 7.54 -21.09
N GLN A 163 -14.52 6.27 -21.45
CA GLN A 163 -15.44 5.22 -21.06
C GLN A 163 -15.48 5.04 -19.55
N VAL A 164 -14.40 5.41 -18.86
CA VAL A 164 -14.37 5.28 -17.40
C VAL A 164 -15.41 6.18 -16.76
N ARG A 165 -15.57 7.40 -17.27
CA ARG A 165 -16.56 8.32 -16.71
C ARG A 165 -17.96 7.76 -16.86
N ARG A 166 -18.28 7.18 -18.01
CA ARG A 166 -19.60 6.59 -18.21
C ARG A 166 -19.83 5.46 -17.21
N ASP A 167 -18.80 4.68 -16.91
CA ASP A 167 -18.95 3.57 -15.97
C ASP A 167 -19.35 4.06 -14.59
N TRP A 168 -18.73 5.14 -14.12
CA TRP A 168 -18.96 5.59 -12.75
C TRP A 168 -20.41 5.99 -12.53
N TYR A 169 -20.99 6.74 -13.46
CA TYR A 169 -22.38 7.17 -13.31
C TYR A 169 -23.31 5.98 -13.30
N VAL A 170 -23.09 5.02 -14.18
CA VAL A 170 -23.89 3.80 -14.16
C VAL A 170 -23.68 3.06 -12.85
N TYR A 171 -22.44 3.00 -12.38
CA TYR A 171 -22.16 2.35 -11.11
C TYR A 171 -22.87 3.06 -9.96
N ALA A 172 -22.87 4.40 -9.98
CA ALA A 172 -23.51 5.15 -8.91
C ALA A 172 -25.00 4.85 -8.83
N PHE A 173 -25.66 4.79 -9.99
CA PHE A 173 -27.09 4.49 -10.01
C PHE A 173 -27.35 3.06 -9.54
N LEU A 174 -26.59 2.10 -10.07
CA LEU A 174 -26.81 0.70 -9.70
C LEU A 174 -26.47 0.45 -8.24
N SER A 175 -25.40 1.07 -7.74
CA SER A 175 -24.96 0.80 -6.37
C SER A 175 -26.01 1.22 -5.35
N SER A 176 -26.75 2.28 -5.63
CA SER A 176 -27.76 2.78 -4.70
C SER A 176 -29.06 1.99 -4.76
N LEU A 177 -29.24 1.14 -5.77
CA LEU A 177 -30.51 0.43 -5.91
C LEU A 177 -30.87 -0.45 -4.70
N PRO A 178 -29.96 -1.22 -4.10
CA PRO A 178 -30.38 -2.10 -2.99
C PRO A 178 -31.10 -1.37 -1.87
N TRP A 179 -30.68 -0.14 -1.55
CA TRP A 179 -31.38 0.62 -0.53
C TRP A 179 -32.70 1.21 -1.03
N VAL A 180 -32.89 1.29 -2.35
CA VAL A 180 -34.03 2.00 -2.91
C VAL A 180 -34.78 1.11 -3.88
N GLY A 181 -34.45 -0.19 -3.89
CA GLY A 181 -35.00 -1.10 -4.87
C GLY A 181 -36.51 -1.22 -4.87
N LYS A 182 -37.08 -1.77 -3.79
CA LYS A 182 -38.51 -2.07 -3.78
C LYS A 182 -39.35 -0.81 -3.83
N GLU A 183 -39.04 0.17 -2.96
CA GLU A 183 -39.90 1.34 -2.83
C GLU A 183 -39.95 2.15 -4.12
N LEU A 184 -38.79 2.37 -4.75
CA LEU A 184 -38.77 3.19 -5.95
C LEU A 184 -39.36 2.47 -7.14
N TYR A 185 -39.20 1.16 -7.22
CA TYR A 185 -39.64 0.41 -8.40
C TYR A 185 -41.15 0.49 -8.57
N GLU A 186 -41.90 0.25 -7.49
CA GLU A 186 -43.35 0.19 -7.61
C GLU A 186 -43.95 1.55 -7.97
N LYS A 187 -43.34 2.65 -7.52
CA LYS A 187 -43.88 3.96 -7.82
C LYS A 187 -43.78 4.30 -9.30
N LYS A 188 -42.60 4.12 -9.88
CA LYS A 188 -42.30 4.61 -11.23
C LYS A 188 -41.60 3.53 -12.05
N ASP A 189 -42.19 2.33 -12.07
CA ASP A 189 -41.59 1.21 -12.80
C ASP A 189 -41.46 1.52 -14.28
N ALA A 190 -42.47 2.19 -14.86
CA ALA A 190 -42.48 2.41 -16.30
C ALA A 190 -41.27 3.23 -16.74
N GLU A 191 -40.92 4.26 -15.98
CA GLU A 191 -39.79 5.12 -16.37
C GLU A 191 -38.46 4.38 -16.21
N MET A 192 -38.27 3.71 -15.08
CA MET A 192 -36.97 3.10 -14.80
C MET A 192 -36.74 1.84 -15.64
N ASP A 193 -37.80 1.23 -16.17
CA ASP A 193 -37.61 0.12 -17.09
C ASP A 193 -36.85 0.56 -18.33
N ARG A 194 -37.19 1.75 -18.84
CA ARG A 194 -36.38 2.35 -19.90
C ARG A 194 -34.97 2.64 -19.40
N ILE A 195 -34.85 3.09 -18.15
CA ILE A 195 -33.54 3.31 -17.55
C ILE A 195 -32.77 2.01 -17.48
N PHE A 196 -33.42 0.94 -17.04
CA PHE A 196 -32.77 -0.36 -16.99
C PHE A 196 -32.33 -0.81 -18.38
N ALA A 197 -33.19 -0.59 -19.39
CA ALA A 197 -32.83 -0.96 -20.75
C ALA A 197 -31.61 -0.19 -21.23
N ASN A 198 -31.56 1.12 -20.94
CA ASN A 198 -30.42 1.92 -21.33
C ASN A 198 -29.14 1.44 -20.64
N THR A 199 -29.22 1.16 -19.34
CA THR A 199 -28.06 0.62 -18.63
C THR A 199 -27.66 -0.73 -19.20
N GLU A 200 -28.64 -1.61 -19.44
CA GLU A 200 -28.34 -2.91 -20.01
C GLU A 200 -27.74 -2.76 -21.40
N SER A 201 -28.25 -1.81 -22.19
CA SER A 201 -27.69 -1.58 -23.52
C SER A 201 -26.23 -1.14 -23.42
N TYR A 202 -25.91 -0.26 -22.47
CA TYR A 202 -24.55 0.23 -22.33
C TYR A 202 -23.59 -0.88 -21.94
N LEU A 203 -23.99 -1.75 -21.01
CA LEU A 203 -23.08 -2.78 -20.52
C LEU A 203 -22.70 -3.76 -21.63
N LYS A 204 -23.54 -3.91 -22.65
CA LYS A 204 -23.22 -4.83 -23.73
C LYS A 204 -22.04 -4.34 -24.56
N ARG A 205 -21.91 -3.03 -24.73
CA ARG A 205 -20.87 -2.45 -25.58
C ARG A 205 -19.70 -1.87 -24.80
N ARG A 206 -19.60 -2.17 -23.50
CA ARG A 206 -18.47 -1.70 -22.73
C ARG A 206 -17.19 -2.42 -23.13
N GLN A 207 -16.08 -1.69 -23.14
CA GLN A 207 -14.79 -2.30 -23.42
C GLN A 207 -14.37 -3.18 -22.24
N LYS A 208 -13.92 -4.40 -22.54
CA LYS A 208 -13.51 -5.35 -21.51
C LYS A 208 -12.02 -5.66 -21.62
N THR A 209 -11.24 -4.80 -22.25
CA THR A 209 -9.82 -5.08 -22.47
C THR A 209 -9.01 -5.00 -21.18
N HIS A 210 -9.53 -4.38 -20.13
CA HIS A 210 -8.75 -4.15 -18.93
C HIS A 210 -8.89 -5.26 -17.89
N VAL A 211 -9.81 -6.20 -18.08
CA VAL A 211 -10.01 -7.24 -17.07
C VAL A 211 -8.79 -8.15 -16.87
N PRO A 212 -8.09 -8.63 -17.91
CA PRO A 212 -7.04 -9.61 -17.63
C PRO A 212 -5.93 -9.09 -16.74
N MET A 213 -5.61 -7.80 -16.81
CA MET A 213 -4.67 -7.23 -15.85
C MET A 213 -5.23 -7.26 -14.45
N LEU A 214 -6.52 -7.00 -14.30
CA LEU A 214 -7.09 -6.75 -12.98
C LEU A 214 -7.48 -8.03 -12.25
N GLN A 215 -7.86 -9.07 -12.94
CA GLN A 215 -8.27 -10.30 -12.26
C GLN A 215 -7.06 -10.98 -11.63
N VAL A 216 -7.20 -11.35 -10.36
CA VAL A 216 -6.08 -11.99 -9.65
C VAL A 216 -5.85 -13.40 -10.17
N TRP A 217 -6.93 -14.14 -10.44
CA TRP A 217 -6.84 -15.50 -10.97
C TRP A 217 -7.43 -15.51 -12.37
N THR A 218 -6.67 -15.98 -13.35
CA THR A 218 -7.20 -16.12 -14.70
C THR A 218 -8.10 -17.34 -14.83
N ALA A 219 -7.87 -18.37 -14.01
CA ALA A 219 -8.71 -19.56 -14.07
C ALA A 219 -10.13 -19.25 -13.63
N ASP A 220 -11.07 -20.00 -14.18
CA ASP A 220 -12.49 -19.78 -13.92
C ASP A 220 -13.16 -20.88 -13.12
N LYS A 221 -12.51 -22.04 -12.96
CA LYS A 221 -13.19 -23.19 -12.39
C LYS A 221 -13.64 -23.00 -10.95
N PRO A 222 -12.79 -22.59 -9.99
CA PRO A 222 -13.28 -22.46 -8.62
C PRO A 222 -14.28 -21.33 -8.45
N HIS A 223 -13.90 -20.13 -8.86
CA HIS A 223 -14.75 -18.95 -8.80
C HIS A 223 -14.30 -17.96 -9.87
N PRO A 224 -15.15 -17.64 -10.85
CA PRO A 224 -14.74 -16.68 -11.88
C PRO A 224 -14.56 -15.28 -11.30
N GLN A 225 -13.61 -14.55 -11.88
CA GLN A 225 -13.40 -13.15 -11.56
C GLN A 225 -13.91 -12.31 -12.72
N GLU A 226 -14.85 -11.41 -12.43
CA GLU A 226 -15.47 -10.60 -13.46
C GLU A 226 -15.51 -9.14 -13.01
N GLU A 227 -15.59 -8.25 -14.00
CA GLU A 227 -15.60 -6.83 -13.71
C GLU A 227 -16.76 -6.48 -12.77
N TYR A 228 -16.55 -5.44 -11.96
CA TYR A 228 -17.52 -5.12 -10.92
C TYR A 228 -18.88 -4.79 -11.51
N LEU A 229 -18.92 -4.07 -12.63
CA LEU A 229 -20.19 -3.75 -13.26
C LEU A 229 -20.93 -5.02 -13.69
N ASP A 230 -20.21 -5.96 -14.31
CA ASP A 230 -20.86 -7.20 -14.72
C ASP A 230 -21.38 -7.98 -13.51
N CYS A 231 -20.58 -8.06 -12.45
CA CYS A 231 -21.04 -8.75 -11.25
C CYS A 231 -22.17 -7.99 -10.59
N LEU A 232 -22.06 -6.67 -10.50
CA LEU A 232 -23.12 -5.88 -9.87
C LEU A 232 -24.42 -5.99 -10.65
N TRP A 233 -24.34 -5.92 -11.98
CA TRP A 233 -25.55 -5.98 -12.79
C TRP A 233 -26.29 -7.30 -12.59
N ALA A 234 -25.55 -8.41 -12.56
CA ALA A 234 -26.18 -9.71 -12.38
C ALA A 234 -26.89 -9.79 -11.04
N GLN A 235 -26.27 -9.24 -9.99
CA GLN A 235 -26.91 -9.23 -8.67
C GLN A 235 -28.18 -8.41 -8.70
N ILE A 236 -28.18 -7.28 -9.41
CA ILE A 236 -29.38 -6.46 -9.53
C ILE A 236 -30.47 -7.24 -10.24
N GLN A 237 -30.11 -8.01 -11.27
CA GLN A 237 -31.09 -8.81 -11.98
C GLN A 237 -31.75 -9.81 -11.05
N LYS A 238 -30.96 -10.47 -10.20
CA LYS A 238 -31.53 -11.39 -9.22
C LYS A 238 -32.44 -10.65 -8.25
N LEU A 239 -32.01 -9.47 -7.79
CA LEU A 239 -32.86 -8.68 -6.90
C LEU A 239 -34.13 -8.25 -7.60
N LYS A 240 -34.04 -7.90 -8.89
CA LYS A 240 -35.23 -7.59 -9.65
C LYS A 240 -36.10 -8.82 -9.85
N LYS A 241 -35.48 -10.00 -9.95
CA LYS A 241 -36.24 -11.21 -10.21
C LYS A 241 -37.17 -11.56 -9.05
N ASP A 242 -36.70 -11.38 -7.81
CA ASP A 242 -37.47 -11.78 -6.63
C ASP A 242 -38.14 -10.60 -5.94
N ARG A 243 -38.65 -9.65 -6.74
CA ARG A 243 -39.50 -8.57 -6.24
C ARG A 243 -38.77 -7.67 -5.24
N TRP A 244 -37.44 -7.59 -5.35
CA TRP A 244 -36.64 -6.66 -4.57
C TRP A 244 -36.76 -6.94 -3.06
N GLN A 245 -36.46 -8.18 -2.69
CA GLN A 245 -36.44 -8.59 -1.30
C GLN A 245 -35.02 -8.99 -0.91
N GLU A 246 -34.51 -8.41 0.16
CA GLU A 246 -33.21 -8.75 0.71
C GLU A 246 -33.35 -8.93 2.22
N ARG A 247 -32.53 -9.82 2.78
CA ARG A 247 -32.63 -10.18 4.18
C ARG A 247 -31.55 -9.58 5.05
N HIS A 248 -30.36 -9.30 4.50
CA HIS A 248 -29.25 -8.87 5.34
C HIS A 248 -29.41 -7.43 5.81
N ILE A 249 -29.87 -6.54 4.93
CA ILE A 249 -29.84 -5.11 5.24
C ILE A 249 -30.76 -4.81 6.41
N LEU A 250 -30.44 -3.73 7.12
CA LEU A 250 -31.24 -3.27 8.25
C LEU A 250 -31.87 -1.93 7.89
N ARG A 251 -33.16 -1.79 8.21
CA ARG A 251 -33.93 -0.60 7.86
C ARG A 251 -34.63 -0.09 9.11
N PRO A 252 -33.98 0.78 9.88
CA PRO A 252 -34.62 1.29 11.11
C PRO A 252 -35.91 2.05 10.85
N TYR A 253 -36.04 2.68 9.68
CA TYR A 253 -37.23 3.47 9.40
C TYR A 253 -38.50 2.63 9.32
N LEU A 254 -38.37 1.31 9.20
CA LEU A 254 -39.55 0.46 9.20
C LEU A 254 -40.29 0.55 10.52
N ALA A 255 -39.55 0.61 11.63
CA ALA A 255 -40.18 0.76 12.94
C ALA A 255 -40.94 2.08 13.04
N PHE A 256 -40.35 3.16 12.54
CA PHE A 256 -41.01 4.46 12.56
C PHE A 256 -41.87 4.66 11.32
N ASP A 257 -42.73 3.68 11.04
CA ASP A 257 -43.60 3.77 9.87
C ASP A 257 -44.69 4.81 10.06
N SER A 258 -45.31 4.84 11.24
CA SER A 258 -46.43 5.74 11.46
C SER A 258 -46.00 7.20 11.39
N ILE A 259 -44.85 7.53 11.98
CA ILE A 259 -44.42 8.93 12.06
C ILE A 259 -44.11 9.47 10.67
N LEU A 260 -43.37 8.71 9.86
CA LEU A 260 -42.91 9.19 8.57
C LEU A 260 -44.01 9.23 7.51
N CYS A 261 -45.18 8.64 7.78
CA CYS A 261 -46.25 8.65 6.79
C CYS A 261 -46.73 10.07 6.51
N GLU A 262 -46.87 10.89 7.55
CA GLU A 262 -47.39 12.24 7.39
C GLU A 262 -46.34 13.23 6.92
N ALA A 263 -45.06 12.83 6.89
CA ALA A 263 -44.02 13.74 6.44
C ALA A 263 -44.20 14.07 4.96
N LEU A 264 -43.97 15.33 4.62
CA LEU A 264 -44.11 15.80 3.24
C LEU A 264 -42.80 15.62 2.49
N GLN A 265 -42.86 15.01 1.32
CA GLN A 265 -41.67 14.77 0.53
C GLN A 265 -41.14 16.09 -0.04
N HIS A 266 -39.84 16.08 -0.33
CA HIS A 266 -39.18 17.20 -0.99
C HIS A 266 -38.77 16.78 -2.39
N ASN A 267 -38.96 17.69 -3.35
CA ASN A 267 -38.64 17.42 -4.74
C ASN A 267 -37.24 17.94 -5.06
N LEU A 268 -36.41 17.07 -5.64
CA LEU A 268 -35.04 17.45 -5.97
C LEU A 268 -35.02 18.44 -7.13
N PRO A 269 -34.07 19.36 -7.12
CA PRO A 269 -33.88 20.24 -8.28
C PRO A 269 -33.39 19.44 -9.47
N PRO A 270 -33.60 19.94 -10.69
CA PRO A 270 -33.15 19.20 -11.88
C PRO A 270 -31.63 19.16 -11.99
N PHE A 271 -31.01 18.30 -11.19
CA PHE A 271 -29.56 18.20 -11.19
C PHE A 271 -29.04 17.72 -12.54
N THR A 272 -27.90 18.25 -12.95
CA THR A 272 -27.21 17.80 -14.14
C THR A 272 -25.75 17.51 -13.80
N PRO A 273 -25.17 16.46 -14.38
CA PRO A 273 -23.77 16.16 -14.09
C PRO A 273 -22.86 17.25 -14.64
N PRO A 274 -21.75 17.53 -13.98
CA PRO A 274 -20.80 18.52 -14.51
C PRO A 274 -20.25 18.08 -15.84
N PRO A 275 -20.03 19.01 -16.76
CA PRO A 275 -19.48 18.64 -18.07
C PRO A 275 -18.07 18.07 -17.93
N HIS A 276 -17.73 17.18 -18.86
CA HIS A 276 -16.41 16.57 -18.85
C HIS A 276 -15.34 17.61 -19.14
N THR A 277 -14.26 17.57 -18.37
CA THR A 277 -13.13 18.47 -18.53
C THR A 277 -11.85 17.66 -18.60
N GLU A 278 -10.82 18.27 -19.22
CA GLU A 278 -9.55 17.57 -19.39
C GLU A 278 -8.91 17.23 -18.06
N ASP A 279 -8.96 18.16 -17.11
CA ASP A 279 -8.34 17.93 -15.80
C ASP A 279 -9.13 16.95 -14.94
N SER A 280 -10.34 16.58 -15.35
CA SER A 280 -11.14 15.66 -14.55
C SER A 280 -10.48 14.28 -14.49
N VAL A 281 -10.52 13.67 -13.32
CA VAL A 281 -9.93 12.35 -13.07
C VAL A 281 -11.02 11.45 -12.52
N TYR A 282 -11.15 10.25 -13.09
CA TYR A 282 -12.20 9.34 -12.69
C TYR A 282 -11.61 8.08 -12.06
N PRO A 283 -12.32 7.46 -11.12
CA PRO A 283 -11.77 6.29 -10.43
C PRO A 283 -11.54 5.12 -11.39
N MET A 284 -10.47 4.37 -11.11
CA MET A 284 -10.10 3.26 -11.98
C MET A 284 -11.10 2.12 -11.85
N PRO A 285 -11.31 1.36 -12.93
CA PRO A 285 -12.18 0.18 -12.84
C PRO A 285 -11.58 -0.87 -11.94
N ARG A 286 -12.46 -1.68 -11.35
CA ARG A 286 -12.07 -2.68 -10.36
C ARG A 286 -12.62 -4.05 -10.76
N VAL A 287 -12.31 -5.05 -9.95
CA VAL A 287 -12.85 -6.40 -10.12
C VAL A 287 -12.92 -7.04 -8.75
N ILE A 288 -14.08 -7.56 -8.38
CA ILE A 288 -14.29 -8.21 -7.10
C ILE A 288 -14.08 -9.70 -7.28
N PHE A 289 -13.25 -10.29 -6.42
CA PHE A 289 -12.90 -11.70 -6.52
C PHE A 289 -13.52 -12.47 -5.37
N ARG A 290 -13.91 -13.71 -5.66
CA ARG A 290 -14.48 -14.62 -4.68
C ARG A 290 -13.49 -15.74 -4.41
N MET A 291 -13.27 -16.04 -3.13
CA MET A 291 -12.47 -17.18 -2.73
C MET A 291 -13.23 -18.15 -1.85
N PHE A 292 -14.49 -17.87 -1.54
CA PHE A 292 -15.28 -18.72 -0.66
C PHE A 292 -16.58 -19.12 -1.35
N ASP A 293 -17.03 -20.33 -1.04
CA ASP A 293 -18.31 -20.86 -1.49
C ASP A 293 -19.07 -21.37 -0.27
N TYR A 294 -20.41 -21.36 -0.36
CA TYR A 294 -21.22 -21.74 0.79
C TYR A 294 -20.91 -23.16 1.25
N THR A 295 -20.41 -24.01 0.37
CA THR A 295 -20.03 -25.36 0.76
C THR A 295 -18.78 -25.39 1.64
N ASP A 296 -18.04 -24.30 1.73
CA ASP A 296 -16.83 -24.29 2.54
C ASP A 296 -17.15 -24.37 4.03
N ASP A 297 -18.25 -23.75 4.47
CA ASP A 297 -18.68 -23.81 5.86
C ASP A 297 -20.04 -24.49 5.90
N PRO A 298 -20.08 -25.82 6.10
CA PRO A 298 -21.37 -26.50 6.09
C PRO A 298 -22.20 -26.26 7.34
N GLU A 299 -21.57 -26.26 8.51
CA GLU A 299 -22.31 -26.12 9.76
C GLU A 299 -22.80 -24.71 10.01
N GLY A 300 -22.12 -23.70 9.48
CA GLY A 300 -22.48 -22.33 9.76
C GLY A 300 -23.69 -21.88 8.96
N PRO A 301 -24.09 -20.64 9.20
CA PRO A 301 -25.21 -20.07 8.44
C PRO A 301 -24.90 -20.05 6.95
N VAL A 302 -25.93 -20.29 6.14
CA VAL A 302 -25.76 -20.33 4.69
C VAL A 302 -25.43 -18.92 4.22
N MET A 303 -24.18 -18.70 3.81
CA MET A 303 -23.78 -17.37 3.40
C MET A 303 -24.29 -17.08 1.98
N PRO A 304 -24.51 -15.81 1.65
CA PRO A 304 -25.06 -15.47 0.33
C PRO A 304 -24.15 -15.91 -0.80
N GLY A 305 -24.76 -16.24 -1.93
CA GLY A 305 -24.02 -16.67 -3.09
C GLY A 305 -23.25 -15.54 -3.73
N SER A 306 -22.47 -15.90 -4.75
CA SER A 306 -21.62 -14.92 -5.43
C SER A 306 -22.47 -13.83 -6.07
N HIS A 307 -23.47 -14.21 -6.84
CA HIS A 307 -24.35 -13.24 -7.50
C HIS A 307 -25.60 -12.99 -6.66
N SER A 308 -25.37 -12.57 -5.42
CA SER A 308 -26.44 -12.22 -4.50
C SER A 308 -26.22 -10.79 -4.02
N VAL A 309 -27.25 -9.96 -4.15
CA VAL A 309 -27.11 -8.54 -3.83
C VAL A 309 -26.76 -8.36 -2.36
N GLU A 310 -27.33 -9.17 -1.49
CA GLU A 310 -27.03 -9.05 -0.06
C GLU A 310 -25.57 -9.36 0.24
N ARG A 311 -24.87 -10.07 -0.64
CA ARG A 311 -23.43 -10.22 -0.46
C ARG A 311 -22.70 -8.93 -0.78
N PHE A 312 -23.15 -8.21 -1.82
CA PHE A 312 -22.47 -6.97 -2.21
C PHE A 312 -22.50 -5.95 -1.09
N VAL A 313 -23.65 -5.80 -0.43
CA VAL A 313 -23.75 -4.81 0.64
C VAL A 313 -22.88 -5.21 1.82
N ILE A 314 -22.67 -6.51 2.04
CA ILE A 314 -21.81 -6.95 3.13
C ILE A 314 -20.37 -6.54 2.88
N GLU A 315 -19.87 -6.81 1.67
CA GLU A 315 -18.50 -6.42 1.35
C GLU A 315 -18.35 -4.91 1.32
N GLU A 316 -19.36 -4.21 0.80
CA GLU A 316 -19.27 -2.76 0.71
C GLU A 316 -19.19 -2.12 2.10
N ASN A 317 -20.02 -2.58 3.03
CA ASN A 317 -19.95 -2.05 4.38
C ASN A 317 -18.61 -2.36 5.04
N LEU A 318 -18.14 -3.59 4.90
CA LEU A 318 -16.89 -3.99 5.55
C LEU A 318 -15.70 -3.21 4.98
N HIS A 319 -15.73 -2.93 3.68
CA HIS A 319 -14.67 -2.09 3.10
C HIS A 319 -14.68 -0.70 3.72
N CYS A 320 -15.86 -0.12 3.92
CA CYS A 320 -15.94 1.18 4.56
C CYS A 320 -15.47 1.12 6.02
N ILE A 321 -15.70 -0.01 6.69
CA ILE A 321 -15.19 -0.18 8.05
C ILE A 321 -13.67 -0.10 8.06
N ILE A 322 -13.04 -0.80 7.12
CA ILE A 322 -11.58 -0.74 7.00
C ILE A 322 -11.15 0.68 6.66
N LYS A 323 -11.85 1.32 5.71
CA LYS A 323 -11.49 2.67 5.30
C LYS A 323 -11.62 3.66 6.45
N SER A 324 -12.67 3.51 7.26
CA SER A 324 -12.94 4.50 8.30
C SER A 324 -11.91 4.42 9.42
N HIS A 325 -11.52 3.23 9.83
CA HIS A 325 -10.67 3.04 11.00
C HIS A 325 -9.36 2.35 10.65
N TRP A 326 -8.78 2.71 9.49
CA TRP A 326 -7.54 2.07 9.08
C TRP A 326 -6.37 2.46 9.98
N LYS A 327 -6.43 3.65 10.60
CA LYS A 327 -5.33 4.09 11.45
C LYS A 327 -5.29 3.32 12.76
N GLU A 328 -6.45 3.06 13.35
CA GLU A 328 -6.55 2.35 14.62
C GLU A 328 -6.84 0.88 14.35
N ARG A 329 -5.82 0.03 14.50
CA ARG A 329 -6.02 -1.38 14.22
C ARG A 329 -6.88 -2.06 15.28
N LYS A 330 -6.66 -1.71 16.56
CA LYS A 330 -7.48 -2.30 17.61
C LYS A 330 -8.94 -1.89 17.47
N THR A 331 -9.19 -0.61 17.21
CA THR A 331 -10.57 -0.15 17.02
C THR A 331 -11.19 -0.80 15.79
N CYS A 332 -10.43 -0.87 14.69
CA CYS A 332 -10.96 -1.46 13.47
C CYS A 332 -11.33 -2.92 13.68
N ALA A 333 -10.48 -3.68 14.36
CA ALA A 333 -10.76 -5.09 14.59
C ALA A 333 -12.04 -5.27 15.39
N ALA A 334 -12.23 -4.45 16.42
CA ALA A 334 -13.43 -4.57 17.24
C ALA A 334 -14.68 -4.16 16.47
N GLN A 335 -14.56 -3.17 15.58
CA GLN A 335 -15.74 -2.68 14.87
C GLN A 335 -16.30 -3.73 13.92
N LEU A 336 -15.44 -4.31 13.08
CA LEU A 336 -15.94 -5.21 12.04
C LEU A 336 -16.42 -6.53 12.63
N VAL A 337 -15.81 -7.01 13.71
CA VAL A 337 -16.26 -8.27 14.30
C VAL A 337 -17.65 -8.10 14.88
N SER A 338 -17.96 -6.92 15.42
CA SER A 338 -19.29 -6.62 15.93
C SER A 338 -20.14 -5.96 14.85
N TYR A 339 -20.18 -6.58 13.68
CA TYR A 339 -20.95 -6.05 12.57
C TYR A 339 -22.44 -6.33 12.78
N PRO A 340 -23.30 -5.34 12.54
CA PRO A 340 -24.73 -5.54 12.74
C PRO A 340 -25.26 -6.67 11.86
N GLY A 341 -26.22 -7.41 12.40
CA GLY A 341 -26.76 -8.57 11.71
C GLY A 341 -25.76 -9.69 11.57
N LYS A 342 -24.91 -9.91 12.57
CA LYS A 342 -23.91 -10.96 12.50
C LYS A 342 -24.52 -12.35 12.61
N ASN A 343 -25.72 -12.47 13.17
CA ASN A 343 -26.32 -13.79 13.34
C ASN A 343 -26.72 -14.40 12.00
N LYS A 344 -27.24 -13.58 11.09
CA LYS A 344 -27.71 -14.10 9.81
C LYS A 344 -26.57 -14.67 8.98
N ILE A 345 -25.43 -13.99 8.96
CA ILE A 345 -24.36 -14.30 8.02
C ILE A 345 -23.10 -14.71 8.77
N PRO A 346 -22.38 -15.75 8.32
CA PRO A 346 -21.11 -16.09 8.95
C PRO A 346 -20.07 -15.00 8.79
N LEU A 347 -19.71 -14.35 9.91
CA LEU A 347 -18.81 -13.20 9.83
C LEU A 347 -17.39 -13.62 9.51
N ASN A 348 -16.93 -14.74 10.09
CA ASN A 348 -15.52 -15.10 9.97
C ASN A 348 -15.12 -15.31 8.52
N TYR A 349 -15.96 -15.99 7.74
CA TYR A 349 -15.62 -16.22 6.34
C TYR A 349 -15.66 -14.93 5.53
N HIS A 350 -16.58 -14.02 5.87
CA HIS A 350 -16.67 -12.77 5.13
C HIS A 350 -15.51 -11.84 5.46
N ILE A 351 -15.16 -11.73 6.75
CA ILE A 351 -14.13 -10.76 7.14
C ILE A 351 -12.78 -11.17 6.57
N VAL A 352 -12.48 -12.46 6.54
CA VAL A 352 -11.23 -12.92 5.94
C VAL A 352 -11.20 -12.60 4.46
N GLU A 353 -12.30 -12.84 3.76
CA GLU A 353 -12.37 -12.54 2.34
C GLU A 353 -12.20 -11.06 2.09
N VAL A 354 -12.81 -10.22 2.93
CA VAL A 354 -12.73 -8.77 2.75
C VAL A 354 -11.29 -8.30 2.91
N ILE A 355 -10.58 -8.82 3.92
CA ILE A 355 -9.20 -8.40 4.15
C ILE A 355 -8.34 -8.73 2.95
N PHE A 356 -8.46 -9.96 2.44
CA PHE A 356 -7.73 -10.33 1.23
C PHE A 356 -8.20 -9.53 0.03
N ALA A 357 -9.48 -9.15 0.01
CA ALA A 357 -9.97 -8.29 -1.06
C ALA A 357 -9.26 -6.94 -1.04
N GLU A 358 -9.08 -6.39 0.16
CA GLU A 358 -8.36 -5.13 0.28
C GLU A 358 -6.87 -5.31 -0.04
N LEU A 359 -6.31 -6.47 0.27
CA LEU A 359 -4.89 -6.69 0.09
C LEU A 359 -4.52 -6.94 -1.37
N PHE A 360 -5.41 -7.57 -2.13
CA PHE A 360 -5.08 -7.98 -3.49
C PHE A 360 -5.62 -7.04 -4.56
N GLN A 361 -6.05 -5.84 -4.18
CA GLN A 361 -6.37 -4.85 -5.20
C GLN A 361 -5.07 -4.39 -5.82
N LEU A 362 -4.67 -5.05 -6.90
CA LEU A 362 -3.32 -4.96 -7.43
C LEU A 362 -2.92 -3.59 -7.99
N PRO A 363 -3.84 -2.73 -8.48
CA PRO A 363 -3.41 -1.36 -8.82
C PRO A 363 -2.72 -0.72 -7.64
N ALA A 364 -3.41 -0.68 -6.51
CA ALA A 364 -2.84 -0.24 -5.24
C ALA A 364 -3.78 -0.64 -4.11
N PRO A 365 -3.29 -1.28 -3.07
CA PRO A 365 -4.11 -1.50 -1.88
C PRO A 365 -4.54 -0.16 -1.29
N PRO A 366 -5.75 -0.07 -0.74
CA PRO A 366 -6.23 1.22 -0.24
C PRO A 366 -5.37 1.80 0.87
N HIS A 367 -4.57 0.99 1.55
CA HIS A 367 -3.70 1.46 2.60
C HIS A 367 -2.35 0.77 2.47
N ILE A 368 -1.48 0.96 3.45
CA ILE A 368 -0.18 0.31 3.46
C ILE A 368 -0.37 -1.19 3.58
N ASP A 369 0.46 -1.96 2.87
CA ASP A 369 0.27 -3.41 2.80
C ASP A 369 0.42 -4.06 4.16
N VAL A 370 1.32 -3.52 5.00
CA VAL A 370 1.59 -4.14 6.29
C VAL A 370 0.38 -4.07 7.22
N MET A 371 -0.58 -3.19 6.95
CA MET A 371 -1.71 -3.03 7.86
C MET A 371 -2.53 -4.31 7.93
N TYR A 372 -2.74 -4.98 6.79
CA TYR A 372 -3.59 -6.16 6.79
C TYR A 372 -2.94 -7.32 7.53
N THR A 373 -1.62 -7.43 7.47
CA THR A 373 -0.94 -8.53 8.17
C THR A 373 -1.17 -8.45 9.67
N THR A 374 -1.00 -7.26 10.24
CA THR A 374 -1.21 -7.10 11.68
C THR A 374 -2.68 -7.05 12.05
N LEU A 375 -3.54 -6.61 11.13
CA LEU A 375 -4.97 -6.55 11.43
C LEU A 375 -5.51 -7.95 11.71
N LEU A 376 -5.13 -8.92 10.89
CA LEU A 376 -5.57 -10.30 11.13
C LEU A 376 -5.02 -10.84 12.44
N ILE A 377 -3.84 -10.35 12.85
CA ILE A 377 -3.26 -10.82 14.12
C ILE A 377 -4.16 -10.44 15.28
N GLU A 378 -4.58 -9.16 15.33
CA GLU A 378 -5.49 -8.73 16.39
C GLU A 378 -6.85 -9.39 16.24
N LEU A 379 -7.30 -9.58 15.01
CA LEU A 379 -8.54 -10.32 14.79
C LEU A 379 -8.42 -11.75 15.29
N CYS A 380 -7.29 -12.39 15.02
CA CYS A 380 -7.11 -13.78 15.44
C CYS A 380 -7.19 -13.91 16.95
N LYS A 381 -6.54 -13.00 17.68
CA LYS A 381 -6.61 -13.06 19.13
C LYS A 381 -7.92 -12.53 19.68
N LEU A 382 -8.68 -11.77 18.88
CA LEU A 382 -9.97 -11.28 19.34
C LEU A 382 -11.04 -12.37 19.29
N GLN A 383 -10.97 -13.26 18.32
CA GLN A 383 -11.89 -14.39 18.20
C GLN A 383 -11.09 -15.68 18.03
N PRO A 384 -10.43 -16.13 19.09
CA PRO A 384 -9.63 -17.36 18.98
C PRO A 384 -10.46 -18.60 18.73
N GLY A 385 -11.76 -18.56 18.97
CA GLY A 385 -12.57 -19.77 18.88
C GLY A 385 -12.67 -20.31 17.46
N SER A 386 -12.90 -19.43 16.49
CA SER A 386 -13.21 -19.91 15.15
C SER A 386 -12.31 -19.28 14.09
N LEU A 387 -11.95 -18.01 14.26
CA LEU A 387 -11.20 -17.30 13.22
C LEU A 387 -9.89 -17.97 12.84
N PRO A 388 -9.06 -18.47 13.76
CA PRO A 388 -7.85 -19.19 13.32
C PRO A 388 -8.13 -20.36 12.41
N GLN A 389 -9.24 -21.08 12.62
CA GLN A 389 -9.54 -22.23 11.78
C GLN A 389 -9.82 -21.81 10.35
N VAL A 390 -10.70 -20.82 10.16
CA VAL A 390 -11.04 -20.40 8.80
C VAL A 390 -9.85 -19.73 8.13
N LEU A 391 -9.07 -18.94 8.89
CA LEU A 391 -7.89 -18.31 8.32
C LEU A 391 -6.90 -19.35 7.83
N ALA A 392 -6.69 -20.40 8.64
CA ALA A 392 -5.83 -21.50 8.20
C ALA A 392 -6.42 -22.18 6.96
N GLN A 393 -7.73 -22.40 6.96
CA GLN A 393 -8.38 -22.95 5.77
C GLN A 393 -8.24 -22.00 4.59
N ALA A 394 -8.40 -20.71 4.84
CA ALA A 394 -8.29 -19.73 3.75
C ALA A 394 -6.90 -19.76 3.14
N THR A 395 -5.86 -19.89 3.97
CA THR A 395 -4.50 -19.98 3.44
C THR A 395 -4.34 -21.19 2.53
N GLU A 396 -4.88 -22.34 2.95
CA GLU A 396 -4.76 -23.54 2.13
C GLU A 396 -5.49 -23.37 0.80
N MET A 397 -6.65 -22.71 0.81
CA MET A 397 -7.38 -22.48 -0.42
C MET A 397 -6.58 -21.61 -1.39
N LEU A 398 -5.90 -20.59 -0.87
CA LEU A 398 -5.04 -19.77 -1.71
C LEU A 398 -3.90 -20.59 -2.28
N TYR A 399 -3.34 -21.50 -1.48
CA TYR A 399 -2.21 -22.30 -1.93
C TYR A 399 -2.60 -23.17 -3.12
N MET A 400 -3.79 -23.78 -3.08
CA MET A 400 -4.19 -24.68 -4.15
C MET A 400 -4.49 -23.95 -5.45
N ARG A 401 -4.76 -22.65 -5.41
CA ARG A 401 -5.08 -21.88 -6.60
C ARG A 401 -3.87 -21.13 -7.16
N LEU A 402 -2.67 -21.45 -6.67
CA LEU A 402 -1.47 -20.74 -7.10
C LEU A 402 -1.10 -21.00 -8.55
N ASP A 403 -1.73 -21.97 -9.21
CA ASP A 403 -1.35 -22.29 -10.58
C ASP A 403 -1.51 -21.09 -11.50
N THR A 404 -2.61 -20.35 -11.36
CA THR A 404 -2.85 -19.14 -12.14
C THR A 404 -3.21 -18.02 -11.18
N MET A 405 -2.19 -17.37 -10.64
CA MET A 405 -2.36 -16.16 -9.83
C MET A 405 -1.39 -15.11 -10.34
N ASN A 406 -1.88 -13.88 -10.45
CA ASN A 406 -1.03 -12.79 -10.91
C ASN A 406 0.17 -12.64 -9.97
N THR A 407 1.35 -12.51 -10.56
CA THR A 407 2.58 -12.53 -9.77
C THR A 407 2.63 -11.36 -8.81
N THR A 408 2.17 -10.18 -9.24
CA THR A 408 2.18 -9.02 -8.36
C THR A 408 1.38 -9.27 -7.09
N CYS A 409 0.32 -10.10 -7.16
CA CYS A 409 -0.40 -10.48 -5.97
C CYS A 409 0.36 -11.54 -5.17
N VAL A 410 1.16 -12.38 -5.85
CA VAL A 410 1.92 -13.40 -5.14
C VAL A 410 2.91 -12.75 -4.17
N ASP A 411 3.58 -11.68 -4.61
CA ASP A 411 4.52 -11.00 -3.73
C ASP A 411 3.84 -10.50 -2.47
N ARG A 412 2.64 -9.94 -2.61
CA ARG A 412 1.87 -9.56 -1.43
C ARG A 412 1.51 -10.77 -0.60
N PHE A 413 1.15 -11.87 -1.24
CA PHE A 413 0.90 -13.11 -0.52
C PHE A 413 2.16 -13.60 0.17
N ILE A 414 3.30 -13.51 -0.51
CA ILE A 414 4.57 -13.96 0.08
C ILE A 414 4.88 -13.15 1.33
N ASN A 415 4.74 -11.82 1.24
CA ASN A 415 5.08 -10.98 2.38
C ASN A 415 4.16 -11.24 3.56
N TRP A 416 2.86 -11.39 3.33
CA TRP A 416 1.93 -11.59 4.43
C TRP A 416 2.14 -12.95 5.09
N PHE A 417 2.21 -14.01 4.30
CA PHE A 417 2.28 -15.34 4.87
C PHE A 417 3.55 -15.52 5.70
N SER A 418 4.67 -15.04 5.19
CA SER A 418 5.90 -15.10 5.96
C SER A 418 5.79 -14.28 7.24
N HIS A 419 5.24 -13.08 7.14
CA HIS A 419 5.08 -12.24 8.33
C HIS A 419 4.11 -12.87 9.32
N HIS A 420 3.01 -13.44 8.81
CA HIS A 420 2.06 -14.12 9.69
C HIS A 420 2.70 -15.31 10.38
N LEU A 421 3.55 -16.04 9.66
CA LEU A 421 4.28 -17.13 10.29
C LEU A 421 5.31 -16.59 11.28
N SER A 422 5.81 -15.38 11.05
CA SER A 422 6.86 -14.84 11.90
C SER A 422 6.39 -14.66 13.34
N ASN A 423 5.18 -14.13 13.52
CA ASN A 423 4.64 -13.90 14.85
C ASN A 423 3.75 -15.04 15.32
N PHE A 424 3.96 -16.25 14.81
CA PHE A 424 3.27 -17.44 15.28
C PHE A 424 4.23 -18.61 15.43
N GLN A 425 5.48 -18.32 15.80
CA GLN A 425 6.49 -19.33 16.10
C GLN A 425 6.80 -20.22 14.91
N PHE A 426 6.47 -19.77 13.69
CA PHE A 426 6.76 -20.51 12.47
C PHE A 426 6.18 -21.92 12.51
N ARG A 427 4.97 -22.05 13.04
CA ARG A 427 4.30 -23.33 13.17
C ARG A 427 3.34 -23.50 11.99
N TRP A 428 3.56 -24.53 11.18
CA TRP A 428 2.70 -24.79 10.04
C TRP A 428 2.86 -26.24 9.63
N SER A 429 1.76 -26.82 9.12
CA SER A 429 1.75 -28.21 8.67
C SER A 429 2.31 -28.26 7.26
N TRP A 430 3.64 -28.18 7.17
CA TRP A 430 4.30 -28.17 5.86
C TRP A 430 4.11 -29.50 5.13
N GLU A 431 4.01 -30.60 5.86
CA GLU A 431 3.83 -31.90 5.24
C GLU A 431 2.57 -31.97 4.40
N ASP A 432 1.60 -31.10 4.66
CA ASP A 432 0.38 -31.07 3.85
C ASP A 432 0.70 -30.71 2.40
N TRP A 433 1.60 -29.75 2.20
CA TRP A 433 1.98 -29.33 0.85
C TRP A 433 3.13 -30.18 0.32
N SER A 434 2.97 -31.51 0.36
CA SER A 434 4.01 -32.41 -0.11
C SER A 434 4.06 -32.51 -1.62
N ASP A 435 3.03 -32.03 -2.32
CA ASP A 435 2.99 -32.14 -3.77
C ASP A 435 3.99 -31.23 -4.46
N CYS A 436 4.49 -30.20 -3.78
CA CYS A 436 5.41 -29.27 -4.42
C CYS A 436 6.72 -29.93 -4.80
N LEU A 437 7.15 -30.96 -4.06
CA LEU A 437 8.41 -31.61 -4.34
C LEU A 437 8.41 -32.27 -5.71
N SER A 438 7.34 -32.98 -6.05
CA SER A 438 7.27 -33.71 -7.32
C SER A 438 6.73 -32.82 -8.45
N GLN A 439 7.34 -31.66 -8.62
CA GLN A 439 6.94 -30.72 -9.66
C GLN A 439 8.17 -30.04 -10.23
N ASP A 440 7.94 -29.26 -11.28
CA ASP A 440 9.00 -28.43 -11.83
C ASP A 440 9.45 -27.43 -10.77
N PRO A 441 10.76 -27.26 -10.56
CA PRO A 441 11.21 -26.27 -9.55
C PRO A 441 10.74 -24.85 -9.85
N GLU A 442 10.41 -24.53 -11.10
CA GLU A 442 9.92 -23.21 -11.43
C GLU A 442 8.40 -23.12 -11.45
N SER A 443 7.69 -24.19 -11.10
CA SER A 443 6.25 -24.13 -11.00
C SER A 443 5.86 -23.23 -9.83
N PRO A 444 4.70 -22.58 -9.91
CA PRO A 444 4.32 -21.61 -8.86
C PRO A 444 4.30 -22.19 -7.46
N LYS A 445 3.81 -23.43 -7.29
CA LYS A 445 3.74 -23.99 -5.94
C LYS A 445 5.12 -24.21 -5.32
N PRO A 446 6.07 -24.89 -5.97
CA PRO A 446 7.42 -24.95 -5.36
C PRO A 446 8.06 -23.60 -5.22
N LYS A 447 7.83 -22.69 -6.18
CA LYS A 447 8.39 -21.35 -6.08
C LYS A 447 7.82 -20.60 -4.88
N PHE A 448 6.52 -20.78 -4.63
CA PHE A 448 5.92 -20.15 -3.46
C PHE A 448 6.57 -20.65 -2.18
N VAL A 449 6.81 -21.95 -2.08
CA VAL A 449 7.45 -22.50 -0.89
C VAL A 449 8.86 -21.95 -0.75
N ARG A 450 9.59 -21.88 -1.86
CA ARG A 450 10.97 -21.38 -1.81
C ARG A 450 11.02 -19.94 -1.32
N GLU A 451 10.12 -19.09 -1.82
CA GLU A 451 10.14 -17.68 -1.44
C GLU A 451 9.72 -17.50 0.01
N VAL A 452 8.71 -18.25 0.46
CA VAL A 452 8.22 -18.09 1.84
C VAL A 452 9.33 -18.41 2.82
N LEU A 453 10.05 -19.52 2.60
CA LEU A 453 11.15 -19.88 3.49
C LEU A 453 12.25 -18.83 3.43
N GLU A 454 12.52 -18.31 2.23
CA GLU A 454 13.55 -17.26 2.10
C GLU A 454 13.17 -16.02 2.89
N LYS A 455 11.90 -15.60 2.80
CA LYS A 455 11.45 -14.47 3.59
C LYS A 455 11.46 -14.80 5.08
N CYS A 456 11.02 -16.01 5.43
CA CYS A 456 11.11 -16.44 6.83
C CYS A 456 12.56 -16.49 7.30
N MET A 457 13.49 -16.74 6.37
CA MET A 457 14.90 -16.66 6.72
C MET A 457 15.29 -15.25 7.13
N ARG A 458 14.71 -14.23 6.49
CA ARG A 458 15.04 -12.85 6.82
C ARG A 458 14.76 -12.54 8.28
N LEU A 459 13.73 -13.17 8.85
CA LEU A 459 13.31 -12.88 10.22
C LEU A 459 13.90 -13.84 11.24
N SER A 460 14.76 -14.78 10.83
CA SER A 460 15.30 -15.75 11.77
C SER A 460 16.69 -16.17 11.30
N TYR A 461 17.19 -17.27 11.86
CA TYR A 461 18.49 -17.80 11.52
C TYR A 461 18.38 -18.82 10.39
N HIS A 462 19.50 -19.05 9.71
CA HIS A 462 19.55 -20.09 8.70
C HIS A 462 19.28 -21.46 9.31
N GLN A 463 19.88 -21.74 10.48
CA GLN A 463 19.62 -22.99 11.16
C GLN A 463 18.18 -23.08 11.64
N ARG A 464 17.58 -21.95 12.04
CA ARG A 464 16.24 -21.98 12.59
C ARG A 464 15.24 -22.49 11.56
N ILE A 465 15.35 -22.04 10.32
CA ILE A 465 14.43 -22.49 9.27
C ILE A 465 14.60 -24.00 9.03
N LEU A 466 15.83 -24.47 9.01
CA LEU A 466 16.08 -25.88 8.74
C LEU A 466 15.43 -26.78 9.78
N ASP A 467 15.32 -26.31 11.02
CA ASP A 467 14.78 -27.15 12.08
C ASP A 467 13.28 -27.38 11.90
N ILE A 468 12.53 -26.31 11.65
CA ILE A 468 11.07 -26.43 11.60
C ILE A 468 10.62 -27.21 10.36
N VAL A 469 11.26 -26.96 9.23
CA VAL A 469 10.80 -27.56 7.97
C VAL A 469 11.08 -29.06 8.00
N PRO A 470 10.15 -29.89 7.52
CA PRO A 470 10.44 -31.32 7.45
C PRO A 470 11.60 -31.59 6.52
N PRO A 471 12.37 -32.65 6.79
CA PRO A 471 13.58 -32.89 5.99
C PRO A 471 13.30 -33.11 4.52
N THR A 472 12.09 -33.55 4.16
CA THR A 472 11.78 -33.80 2.76
C THR A 472 11.86 -32.52 1.93
N PHE A 473 11.65 -31.36 2.55
CA PHE A 473 11.71 -30.09 1.86
C PHE A 473 13.11 -29.47 1.89
N SER A 474 14.13 -30.23 2.27
CA SER A 474 15.48 -29.67 2.38
C SER A 474 15.96 -29.08 1.06
N ALA A 475 15.44 -29.58 -0.07
CA ALA A 475 15.80 -29.00 -1.35
C ALA A 475 15.29 -27.58 -1.50
N LEU A 476 14.17 -27.25 -0.86
CA LEU A 476 13.58 -25.93 -0.98
C LEU A 476 14.06 -24.96 0.10
N CYS A 477 14.87 -25.42 1.05
CA CYS A 477 15.35 -24.53 2.09
C CYS A 477 16.29 -23.48 1.51
N PRO A 478 16.32 -22.28 2.07
CA PRO A 478 17.21 -21.25 1.55
C PRO A 478 18.67 -21.60 1.77
N ALA A 479 19.53 -21.09 0.89
CA ALA A 479 20.96 -21.31 1.04
C ALA A 479 21.53 -20.49 2.19
N ASN A 480 22.68 -20.92 2.68
CA ASN A 480 23.33 -20.23 3.79
C ASN A 480 23.87 -18.89 3.32
N PRO A 481 23.45 -17.77 3.91
CA PRO A 481 23.92 -16.44 3.45
C PRO A 481 25.31 -16.08 3.95
N THR A 482 26.33 -16.55 3.24
CA THR A 482 27.71 -16.26 3.56
C THR A 482 28.38 -15.58 2.38
N CYS A 483 29.31 -14.67 2.68
CA CYS A 483 30.03 -13.96 1.64
C CYS A 483 30.89 -14.93 0.83
N ILE A 484 31.00 -14.63 -0.46
CA ILE A 484 31.84 -15.39 -1.38
C ILE A 484 32.98 -14.49 -1.80
N TYR A 485 34.20 -14.87 -1.42
CA TYR A 485 35.40 -14.10 -1.72
C TYR A 485 36.13 -14.75 -2.87
N LYS A 486 36.23 -14.03 -3.99
CA LYS A 486 36.95 -14.57 -5.15
C LYS A 486 38.42 -14.78 -4.83
N TYR A 487 39.05 -13.81 -4.15
CA TYR A 487 40.47 -13.89 -3.82
C TYR A 487 40.66 -14.52 -2.45
N GLY A 488 40.21 -15.76 -2.34
CA GLY A 488 40.35 -16.50 -1.11
C GLY A 488 41.80 -16.83 -0.80
N ASP A 489 42.05 -17.10 0.48
CA ASP A 489 43.42 -17.37 0.92
C ASP A 489 43.97 -18.64 0.26
N GLU A 490 43.15 -19.68 0.17
CA GLU A 490 43.59 -20.97 -0.34
C GLU A 490 43.11 -21.26 -1.76
N SER A 491 42.38 -20.35 -2.38
CA SER A 491 41.79 -20.61 -3.68
C SER A 491 42.87 -20.85 -4.74
N SER A 492 43.65 -19.81 -5.05
CA SER A 492 44.73 -19.89 -6.03
C SER A 492 45.49 -18.59 -6.04
N ASN A 493 46.78 -18.67 -6.35
CA ASN A 493 47.62 -17.49 -6.52
C ASN A 493 47.80 -17.10 -7.97
N SER A 494 47.18 -17.82 -8.91
CA SER A 494 47.31 -17.53 -10.33
C SER A 494 46.31 -16.50 -10.83
N LEU A 495 45.34 -16.10 -10.01
CA LEU A 495 44.36 -15.11 -10.44
C LEU A 495 45.03 -13.75 -10.60
N PRO A 496 44.70 -13.02 -11.66
CA PRO A 496 45.33 -11.70 -11.87
C PRO A 496 45.02 -10.75 -10.72
N GLY A 497 46.01 -9.93 -10.38
CA GLY A 497 45.83 -8.94 -9.33
C GLY A 497 45.85 -9.50 -7.92
N HIS A 498 46.15 -10.78 -7.74
CA HIS A 498 46.15 -11.35 -6.40
C HIS A 498 47.19 -10.69 -5.52
N SER A 499 48.38 -10.43 -6.08
CA SER A 499 49.41 -9.71 -5.32
C SER A 499 48.92 -8.33 -4.90
N VAL A 500 48.26 -7.62 -5.82
CA VAL A 500 47.67 -6.34 -5.47
C VAL A 500 46.54 -6.52 -4.47
N ALA A 501 45.77 -7.60 -4.62
CA ALA A 501 44.64 -7.83 -3.72
C ALA A 501 45.08 -7.95 -2.28
N LEU A 502 46.18 -8.67 -2.02
CA LEU A 502 46.67 -8.79 -0.66
C LEU A 502 47.14 -7.45 -0.12
N CYS A 503 47.64 -6.56 -0.98
CA CYS A 503 48.03 -5.23 -0.54
C CYS A 503 46.82 -4.43 -0.07
N LEU A 504 45.67 -4.64 -0.71
CA LEU A 504 44.45 -3.96 -0.26
C LEU A 504 44.03 -4.42 1.13
N ALA A 505 44.23 -5.71 1.42
CA ALA A 505 43.81 -6.24 2.71
C ALA A 505 44.53 -5.55 3.87
N VAL A 506 45.86 -5.48 3.79
CA VAL A 506 46.61 -4.83 4.85
C VAL A 506 46.31 -3.33 4.90
N ALA A 507 46.09 -2.71 3.75
CA ALA A 507 45.79 -1.28 3.73
C ALA A 507 44.48 -1.00 4.47
N PHE A 508 43.44 -1.81 4.22
CA PHE A 508 42.18 -1.60 4.91
C PHE A 508 42.33 -1.84 6.42
N LYS A 509 43.05 -2.90 6.80
CA LYS A 509 43.27 -3.17 8.22
C LYS A 509 44.12 -2.09 8.89
N SER A 510 44.91 -1.36 8.12
CA SER A 510 45.71 -0.26 8.65
C SER A 510 44.98 1.08 8.58
N LYS A 511 43.72 1.08 8.14
CA LYS A 511 42.92 2.30 8.01
C LYS A 511 43.62 3.31 7.08
N ALA A 512 43.88 2.85 5.86
CA ALA A 512 44.55 3.69 4.87
C ALA A 512 43.64 4.83 4.42
N THR A 513 44.27 5.92 4.00
CA THR A 513 43.54 7.05 3.46
C THR A 513 43.20 6.81 1.99
N ASN A 514 42.34 7.67 1.45
CA ASN A 514 41.88 7.49 0.08
C ASN A 514 43.03 7.65 -0.91
N ASP A 515 43.90 8.64 -0.69
CA ASP A 515 44.96 8.93 -1.66
C ASP A 515 45.92 7.76 -1.80
N GLU A 516 46.32 7.14 -0.69
CA GLU A 516 47.24 6.03 -0.76
C GLU A 516 46.61 4.78 -1.33
N ILE A 517 45.28 4.67 -1.29
CA ILE A 517 44.60 3.57 -1.96
C ILE A 517 44.81 3.65 -3.47
N PHE A 518 44.75 4.87 -4.02
CA PHE A 518 44.99 5.05 -5.45
C PHE A 518 46.36 4.52 -5.84
N SER A 519 47.38 4.74 -5.01
CA SER A 519 48.73 4.29 -5.33
C SER A 519 48.77 2.77 -5.50
N ILE A 520 48.08 2.04 -4.62
CA ILE A 520 48.03 0.59 -4.75
C ILE A 520 47.36 0.20 -6.06
N LEU A 521 46.26 0.88 -6.41
CA LEU A 521 45.56 0.57 -7.65
C LEU A 521 46.37 0.93 -8.88
N LYS A 522 47.37 1.80 -8.75
CA LYS A 522 48.20 2.16 -9.90
C LYS A 522 48.98 0.97 -10.44
N ASP A 523 49.27 -0.03 -9.61
CA ASP A 523 50.03 -1.19 -10.05
C ASP A 523 49.19 -2.20 -10.81
N VAL A 524 47.87 -2.01 -10.86
CA VAL A 524 47.01 -2.98 -11.55
C VAL A 524 47.26 -2.90 -13.05
N PRO A 525 47.54 -4.01 -13.71
CA PRO A 525 47.72 -3.98 -15.17
C PRO A 525 46.41 -3.63 -15.88
N ASN A 526 46.55 -3.00 -17.04
CA ASN A 526 45.40 -2.59 -17.83
C ASN A 526 45.22 -3.55 -18.99
N PRO A 527 44.16 -4.38 -18.99
CA PRO A 527 43.90 -5.32 -20.09
C PRO A 527 43.30 -4.63 -21.31
N PHE A 539 39.81 4.03 -17.81
CA PHE A 539 38.99 2.96 -17.25
C PHE A 539 39.75 1.63 -17.21
N ASN A 540 39.47 0.83 -16.19
CA ASN A 540 40.10 -0.47 -16.03
C ASN A 540 39.16 -1.41 -15.28
N PRO A 541 38.58 -2.40 -15.96
CA PRO A 541 37.67 -3.33 -15.27
C PRO A 541 38.35 -4.11 -14.17
N LEU A 542 39.64 -4.43 -14.32
CA LEU A 542 40.33 -5.21 -13.30
C LEU A 542 40.43 -4.45 -11.99
N LYS A 543 40.66 -3.14 -12.05
CA LYS A 543 40.76 -2.34 -10.83
C LYS A 543 39.46 -2.40 -10.04
N ILE A 544 38.32 -2.33 -10.73
CA ILE A 544 37.04 -2.36 -10.05
C ILE A 544 36.85 -3.67 -9.31
N GLU A 545 37.17 -4.78 -9.98
CA GLU A 545 36.90 -6.10 -9.40
C GLU A 545 37.73 -6.33 -8.14
N VAL A 546 39.02 -6.00 -8.20
CA VAL A 546 39.89 -6.26 -7.05
C VAL A 546 39.51 -5.35 -5.90
N PHE A 547 39.16 -4.10 -6.18
CA PHE A 547 38.82 -3.18 -5.11
C PHE A 547 37.51 -3.56 -4.44
N VAL A 548 36.49 -3.91 -5.23
CA VAL A 548 35.18 -4.22 -4.66
C VAL A 548 35.22 -5.53 -3.87
N GLN A 549 35.87 -6.55 -4.43
CA GLN A 549 35.89 -7.86 -3.77
C GLN A 549 36.56 -7.76 -2.40
N THR A 550 37.70 -7.06 -2.32
CA THR A 550 38.40 -6.95 -1.05
C THR A 550 37.62 -6.10 -0.05
N LEU A 551 37.12 -4.94 -0.50
CA LEU A 551 36.44 -4.04 0.42
C LEU A 551 35.17 -4.66 0.99
N LEU A 552 34.37 -5.31 0.14
CA LEU A 552 33.15 -5.95 0.61
C LEU A 552 33.46 -7.10 1.56
N HIS A 553 34.48 -7.90 1.24
CA HIS A 553 34.82 -9.03 2.08
C HIS A 553 35.26 -8.57 3.47
N LEU A 554 36.00 -7.47 3.54
CA LEU A 554 36.44 -6.96 4.83
C LEU A 554 35.25 -6.50 5.68
N ALA A 555 34.26 -5.88 5.05
CA ALA A 555 33.08 -5.36 5.75
C ALA A 555 31.90 -6.31 5.65
N ALA A 556 32.15 -7.61 5.67
CA ALA A 556 31.11 -8.61 5.53
C ALA A 556 30.43 -8.97 6.84
N LYS A 557 30.83 -8.34 7.94
CA LYS A 557 30.26 -8.68 9.24
C LYS A 557 28.80 -8.27 9.34
N SER A 558 28.48 -7.03 8.97
CA SER A 558 27.13 -6.51 9.15
C SER A 558 26.90 -5.36 8.19
N PHE A 559 25.65 -4.91 8.13
CA PHE A 559 25.29 -3.80 7.26
C PHE A 559 26.01 -2.53 7.68
N SER A 560 26.12 -2.28 8.99
CA SER A 560 26.73 -1.05 9.47
C SER A 560 28.19 -0.96 9.02
N HIS A 561 28.93 -2.06 9.09
CA HIS A 561 30.30 -2.05 8.61
C HIS A 561 30.35 -1.79 7.11
N SER A 562 29.44 -2.42 6.35
CA SER A 562 29.42 -2.21 4.91
C SER A 562 29.05 -0.78 4.57
N PHE A 563 28.07 -0.21 5.27
CA PHE A 563 27.70 1.18 5.03
C PHE A 563 28.85 2.12 5.35
N SER A 564 29.57 1.86 6.44
CA SER A 564 30.72 2.69 6.80
C SER A 564 31.79 2.61 5.73
N ALA A 565 32.04 1.41 5.19
CA ALA A 565 33.08 1.24 4.20
C ALA A 565 32.82 2.09 2.96
N LEU A 566 31.58 2.06 2.46
CA LEU A 566 31.25 2.88 1.30
C LEU A 566 31.38 4.36 1.61
N ALA A 567 30.91 4.78 2.79
CA ALA A 567 31.05 6.18 3.18
C ALA A 567 32.52 6.55 3.38
N LYS A 568 33.30 5.63 3.96
CA LYS A 568 34.71 5.91 4.19
C LYS A 568 35.46 6.11 2.88
N PHE A 569 35.14 5.31 1.87
CA PHE A 569 35.82 5.36 0.58
C PHE A 569 34.88 5.83 -0.52
N HIS A 570 34.07 6.85 -0.21
CA HIS A 570 33.10 7.35 -1.19
C HIS A 570 33.80 7.92 -2.42
N GLU A 571 34.91 8.65 -2.21
CA GLU A 571 35.60 9.27 -3.34
C GLU A 571 36.21 8.24 -4.27
N VAL A 572 36.63 7.09 -3.73
CA VAL A 572 37.28 6.08 -4.56
C VAL A 572 36.31 5.53 -5.60
N PHE A 573 35.08 5.20 -5.18
CA PHE A 573 34.10 4.69 -6.11
C PHE A 573 33.76 5.73 -7.18
N LYS A 574 33.62 6.99 -6.77
CA LYS A 574 33.25 8.04 -7.73
C LYS A 574 34.34 8.23 -8.77
N THR A 575 35.61 8.20 -8.36
CA THR A 575 36.70 8.37 -9.32
C THR A 575 36.81 7.17 -10.25
N LEU A 576 36.76 5.97 -9.70
CA LEU A 576 36.94 4.77 -10.51
C LEU A 576 35.75 4.56 -11.45
N ALA A 577 34.54 4.65 -10.92
CA ALA A 577 33.34 4.38 -11.71
C ALA A 577 32.78 5.67 -12.33
N GLU A 578 33.63 6.39 -13.06
CA GLU A 578 33.16 7.60 -13.73
C GLU A 578 32.28 7.25 -14.93
N SER A 579 32.72 6.28 -15.74
CA SER A 579 31.96 5.92 -16.93
C SER A 579 30.70 5.14 -16.56
N ASP A 580 29.69 5.24 -17.43
CA ASP A 580 28.44 4.51 -17.18
C ASP A 580 28.68 3.01 -17.14
N GLU A 581 29.45 2.49 -18.10
CA GLU A 581 29.77 1.06 -18.08
C GLU A 581 30.62 0.71 -16.87
N GLY A 582 31.47 1.62 -16.41
CA GLY A 582 32.18 1.40 -15.17
C GLY A 582 31.24 1.30 -13.98
N LYS A 583 30.22 2.15 -13.95
CA LYS A 583 29.21 2.06 -12.90
C LYS A 583 28.49 0.73 -12.95
N LEU A 584 28.15 0.26 -14.16
CA LEU A 584 27.49 -1.03 -14.29
C LEU A 584 28.38 -2.17 -13.79
N HIS A 585 29.68 -2.10 -14.09
CA HIS A 585 30.59 -3.15 -13.68
C HIS A 585 30.72 -3.25 -12.17
N VAL A 586 30.47 -2.15 -11.44
CA VAL A 586 30.50 -2.22 -9.99
C VAL A 586 29.41 -3.14 -9.47
N LEU A 587 28.23 -3.10 -10.10
CA LEU A 587 27.12 -3.91 -9.61
C LEU A 587 27.36 -5.39 -9.84
N ARG A 588 27.83 -5.77 -11.03
CA ARG A 588 27.95 -7.19 -11.35
C ARG A 588 28.99 -7.87 -10.46
N VAL A 589 30.12 -7.22 -10.21
CA VAL A 589 31.09 -7.79 -9.28
C VAL A 589 30.51 -7.81 -7.87
N MET A 590 29.73 -6.80 -7.50
CA MET A 590 29.10 -6.78 -6.19
C MET A 590 28.11 -7.92 -6.03
N PHE A 591 27.39 -8.26 -7.10
CA PHE A 591 26.45 -9.37 -7.04
C PHE A 591 27.16 -10.69 -6.78
N GLU A 592 28.32 -10.89 -7.42
CA GLU A 592 29.05 -12.14 -7.23
C GLU A 592 29.51 -12.32 -5.79
N VAL A 593 29.81 -11.21 -5.10
CA VAL A 593 30.26 -11.30 -3.71
C VAL A 593 29.13 -11.83 -2.83
N TRP A 594 27.91 -11.33 -3.02
CA TRP A 594 26.80 -11.70 -2.16
C TRP A 594 25.67 -12.38 -2.92
N ARG A 595 26.01 -13.32 -3.81
CA ARG A 595 24.98 -14.04 -4.53
C ARG A 595 24.08 -14.82 -3.59
N ASN A 596 24.63 -15.32 -2.49
CA ASN A 596 23.89 -16.16 -1.57
C ASN A 596 23.19 -15.39 -0.45
N HIS A 597 23.29 -14.07 -0.44
CA HIS A 597 22.66 -13.25 0.59
C HIS A 597 21.86 -12.15 -0.09
N PRO A 598 20.65 -12.47 -0.57
CA PRO A 598 19.85 -11.47 -1.30
C PRO A 598 19.55 -10.22 -0.49
N GLN A 599 19.36 -10.36 0.83
CA GLN A 599 19.08 -9.18 1.63
C GLN A 599 20.27 -8.23 1.68
N MET A 600 21.49 -8.76 1.66
CA MET A 600 22.66 -7.91 1.72
C MET A 600 22.74 -7.00 0.49
N ILE A 601 22.56 -7.57 -0.70
CA ILE A 601 22.52 -6.74 -1.90
C ILE A 601 21.24 -5.95 -2.02
N ALA A 602 20.22 -6.30 -1.25
CA ALA A 602 18.97 -5.53 -1.28
C ALA A 602 19.19 -4.10 -0.82
N VAL A 603 19.96 -3.93 0.25
CA VAL A 603 20.21 -2.59 0.78
C VAL A 603 21.52 -1.99 0.26
N LEU A 604 22.47 -2.83 -0.16
CA LEU A 604 23.76 -2.32 -0.59
C LEU A 604 23.62 -1.44 -1.82
N VAL A 605 22.81 -1.87 -2.80
CA VAL A 605 22.58 -1.04 -3.97
C VAL A 605 21.82 0.23 -3.59
N ASP A 606 20.92 0.14 -2.61
CA ASP A 606 20.15 1.30 -2.19
C ASP A 606 21.06 2.41 -1.68
N LYS A 607 22.06 2.05 -0.87
CA LYS A 607 23.00 3.05 -0.39
C LYS A 607 23.86 3.63 -1.51
N MET A 608 24.19 2.81 -2.51
CA MET A 608 25.00 3.31 -3.61
C MET A 608 24.28 4.40 -4.39
N ILE A 609 22.98 4.23 -4.63
CA ILE A 609 22.22 5.22 -5.38
C ILE A 609 22.17 6.55 -4.64
N ARG A 610 21.83 6.50 -3.35
CA ARG A 610 21.73 7.73 -2.58
C ARG A 610 23.06 8.46 -2.42
N THR A 611 24.17 7.76 -2.61
CA THR A 611 25.49 8.36 -2.55
C THR A 611 26.02 8.72 -3.92
N GLN A 612 25.18 8.67 -4.95
CA GLN A 612 25.54 9.03 -6.32
C GLN A 612 26.65 8.16 -6.88
N ILE A 613 26.88 6.99 -6.30
CA ILE A 613 27.85 6.05 -6.86
C ILE A 613 27.36 5.53 -8.20
N VAL A 614 26.11 5.10 -8.26
CA VAL A 614 25.50 4.61 -9.48
C VAL A 614 24.11 5.23 -9.61
N ASP A 615 23.80 5.74 -10.80
CA ASP A 615 22.48 6.29 -11.04
C ASP A 615 21.47 5.17 -11.27
N CYS A 616 20.19 5.56 -11.23
CA CYS A 616 19.12 4.57 -11.40
C CYS A 616 19.20 3.90 -12.77
N ALA A 617 19.70 4.60 -13.78
CA ALA A 617 19.80 4.01 -15.11
C ALA A 617 20.72 2.80 -15.11
N ALA A 618 21.85 2.89 -14.41
CA ALA A 618 22.78 1.78 -14.35
C ALA A 618 22.15 0.56 -13.68
N VAL A 619 21.38 0.79 -12.61
CA VAL A 619 20.75 -0.33 -11.89
C VAL A 619 19.77 -1.05 -12.80
N ALA A 620 18.97 -0.29 -13.55
CA ALA A 620 18.00 -0.91 -14.45
C ALA A 620 18.68 -1.79 -15.48
N ASN A 621 19.79 -1.31 -16.06
CA ASN A 621 20.53 -2.13 -17.01
C ASN A 621 21.08 -3.38 -16.34
N TRP A 622 21.55 -3.25 -15.09
CA TRP A 622 22.13 -4.40 -14.40
C TRP A 622 21.11 -5.49 -14.15
N ILE A 623 19.84 -5.13 -13.96
CA ILE A 623 18.81 -6.13 -13.67
C ILE A 623 18.68 -7.11 -14.83
N PHE A 624 18.64 -6.60 -16.05
CA PHE A 624 18.44 -7.42 -17.22
C PHE A 624 19.74 -7.96 -17.80
N SER A 625 20.87 -7.69 -17.17
CA SER A 625 22.13 -8.23 -17.64
C SER A 625 22.14 -9.74 -17.53
N SER A 626 22.94 -10.39 -18.40
CA SER A 626 22.97 -11.84 -18.45
C SER A 626 23.45 -12.47 -17.15
N GLU A 627 24.11 -11.69 -16.28
CA GLU A 627 24.58 -12.22 -15.01
C GLU A 627 23.41 -12.62 -14.13
N LEU A 628 22.34 -11.83 -14.12
CA LEU A 628 21.15 -12.10 -13.32
C LEU A 628 20.12 -12.92 -14.06
N SER A 629 20.43 -13.38 -15.28
CA SER A 629 19.43 -14.09 -16.09
C SER A 629 18.95 -15.35 -15.38
N ARG A 630 19.86 -16.09 -14.75
CA ARG A 630 19.46 -17.32 -14.07
C ARG A 630 18.53 -17.03 -12.90
N ASP A 631 18.79 -15.94 -12.17
CA ASP A 631 17.98 -15.56 -11.02
C ASP A 631 16.98 -14.47 -11.35
N PHE A 632 16.67 -14.27 -12.64
CA PHE A 632 15.76 -13.21 -13.03
C PHE A 632 14.36 -13.44 -12.48
N THR A 633 13.98 -14.68 -12.24
CA THR A 633 12.66 -14.98 -11.70
C THR A 633 12.60 -14.86 -10.19
N ARG A 634 13.73 -14.64 -9.53
CA ARG A 634 13.73 -14.50 -8.08
C ARG A 634 12.96 -13.24 -7.68
N LEU A 635 12.43 -13.25 -6.46
CA LEU A 635 11.63 -12.13 -5.99
C LEU A 635 12.47 -10.94 -5.58
N PHE A 636 13.70 -11.18 -5.11
CA PHE A 636 14.47 -10.08 -4.52
C PHE A 636 14.90 -9.06 -5.56
N VAL A 637 15.13 -9.48 -6.81
CA VAL A 637 15.57 -8.54 -7.83
C VAL A 637 14.51 -7.49 -8.11
N TRP A 638 13.24 -7.90 -8.05
CA TRP A 638 12.17 -6.95 -8.33
C TRP A 638 11.98 -5.95 -7.18
N GLU A 639 12.27 -6.36 -5.95
CA GLU A 639 12.30 -5.39 -4.87
C GLU A 639 13.36 -4.33 -5.11
N ILE A 640 14.47 -4.72 -5.75
CA ILE A 640 15.50 -3.75 -6.09
C ILE A 640 14.96 -2.74 -7.07
N LEU A 641 14.32 -3.22 -8.14
CA LEU A 641 13.87 -2.32 -9.20
C LEU A 641 12.86 -1.32 -8.68
N HIS A 642 11.89 -1.77 -7.89
CA HIS A 642 10.86 -0.86 -7.39
C HIS A 642 11.43 0.14 -6.40
N SER A 643 12.35 -0.31 -5.54
CA SER A 643 12.98 0.62 -4.61
C SER A 643 13.75 1.70 -5.34
N THR A 644 14.45 1.33 -6.42
CA THR A 644 15.15 2.33 -7.22
C THR A 644 14.17 3.30 -7.86
N ILE A 645 13.04 2.79 -8.36
CA ILE A 645 12.05 3.66 -8.98
C ILE A 645 11.46 4.61 -7.94
N ARG A 646 11.14 4.10 -6.75
CA ARG A 646 10.54 4.94 -5.72
C ARG A 646 11.49 6.07 -5.31
N LYS A 647 12.79 5.78 -5.23
CA LYS A 647 13.74 6.83 -4.89
C LYS A 647 13.74 7.93 -5.94
N MET A 648 13.69 7.57 -7.22
CA MET A 648 13.62 8.57 -8.27
C MET A 648 12.32 9.36 -8.18
N ASN A 649 11.20 8.67 -7.98
CA ASN A 649 9.91 9.36 -7.87
C ASN A 649 9.87 10.25 -6.63
N LYS A 650 10.38 9.76 -5.51
CA LYS A 650 10.38 10.58 -4.29
C LYS A 650 11.29 11.79 -4.46
N HIS A 651 12.45 11.63 -5.10
CA HIS A 651 13.38 12.73 -5.25
C HIS A 651 12.80 13.83 -6.13
N VAL A 652 12.17 13.46 -7.25
CA VAL A 652 11.64 14.48 -8.15
C VAL A 652 10.51 15.24 -7.50
N LEU A 653 9.70 14.57 -6.67
CA LEU A 653 8.62 15.27 -5.97
C LEU A 653 9.17 16.29 -5.00
N LYS A 654 10.26 15.96 -4.30
CA LYS A 654 10.85 16.91 -3.36
C LYS A 654 11.34 18.16 -4.08
N ILE A 655 11.97 17.99 -5.25
CA ILE A 655 12.41 19.14 -6.02
C ILE A 655 11.22 19.97 -6.48
N GLN A 656 10.15 19.30 -6.91
CA GLN A 656 8.93 20.03 -7.28
C GLN A 656 8.37 20.77 -6.08
N LYS A 657 8.37 20.13 -4.90
CA LYS A 657 7.87 20.81 -3.70
C LYS A 657 8.72 22.03 -3.36
N GLU A 658 10.03 21.92 -3.51
CA GLU A 658 10.91 23.06 -3.25
C GLU A 658 10.61 24.20 -4.19
N LEU A 659 10.34 23.89 -5.46
CA LEU A 659 10.01 24.94 -6.42
C LEU A 659 8.70 25.63 -6.05
N GLU A 660 7.70 24.87 -5.60
CA GLU A 660 6.40 25.46 -5.32
C GLU A 660 6.49 26.44 -4.16
N GLU A 661 7.16 26.06 -3.07
CA GLU A 661 7.27 26.95 -1.92
C GLU A 661 8.05 28.20 -2.27
N ALA A 662 9.12 28.06 -3.07
CA ALA A 662 9.86 29.23 -3.52
C ALA A 662 8.99 30.11 -4.42
N LYS A 663 8.17 29.48 -5.27
CA LYS A 663 7.25 30.25 -6.10
C LYS A 663 6.25 31.01 -5.25
N GLU A 664 5.74 30.38 -4.19
CA GLU A 664 4.81 31.07 -3.31
C GLU A 664 5.47 32.24 -2.59
N LYS A 665 6.78 32.16 -2.36
CA LYS A 665 7.49 33.28 -1.74
C LYS A 665 7.39 34.53 -2.60
N LEU A 666 7.49 34.37 -3.93
CA LEU A 666 7.27 35.51 -4.82
C LEU A 666 5.87 36.05 -4.66
N ALA A 667 4.87 35.17 -4.58
CA ALA A 667 3.49 35.62 -4.39
C ALA A 667 3.32 36.29 -3.04
N ARG A 668 3.94 35.74 -1.99
CA ARG A 668 3.84 36.35 -0.66
C ARG A 668 4.50 37.72 -0.64
N GLN A 669 5.68 37.86 -1.24
CA GLN A 669 6.37 39.14 -1.24
C GLN A 669 5.62 40.18 -2.08
N HIS A 670 5.10 39.76 -3.24
CA HIS A 670 4.36 40.69 -4.09
C HIS A 670 3.12 41.21 -3.39
N LYS A 671 2.45 40.35 -2.62
CA LYS A 671 1.32 40.81 -1.82
C LYS A 671 1.76 41.84 -0.78
N ARG A 672 2.90 41.58 -0.12
CA ARG A 672 3.42 42.55 0.83
C ARG A 672 3.95 43.80 0.15
N ARG A 673 4.54 43.65 -1.04
CA ARG A 673 4.99 44.82 -1.79
C ARG A 673 3.81 45.72 -2.16
N SER A 674 2.70 45.13 -2.57
CA SER A 674 1.50 45.91 -2.85
C SER A 674 0.98 46.61 -1.59
N ASP A 675 0.99 45.90 -0.46
CA ASP A 675 0.55 46.50 0.79
C ASP A 675 1.56 47.52 1.30
N ASP A 676 2.85 47.17 1.27
CA ASP A 676 3.92 48.06 1.73
C ASP A 676 4.82 48.35 0.55
N ASP A 677 4.75 49.58 0.03
CA ASP A 677 5.52 49.99 -1.14
C ASP A 677 6.96 50.21 -0.73
N ASP A 678 7.75 49.14 -0.78
CA ASP A 678 9.17 49.18 -0.45
C ASP A 678 9.98 48.92 -1.69
N ARG A 679 10.91 49.83 -2.01
CA ARG A 679 11.75 49.70 -3.19
C ARG A 679 13.01 48.88 -2.93
N SER A 680 13.29 48.51 -1.69
CA SER A 680 14.47 47.70 -1.39
C SER A 680 14.25 46.22 -1.66
N SER A 681 13.03 45.81 -1.98
CA SER A 681 12.73 44.42 -2.27
C SER A 681 12.99 44.04 -3.72
N ASP A 682 13.37 45.00 -4.56
CA ASP A 682 13.69 44.67 -5.95
C ASP A 682 14.89 43.74 -6.04
N ARG A 683 15.93 44.01 -5.23
CA ARG A 683 17.07 43.10 -5.17
C ARG A 683 16.67 41.78 -4.54
N LYS A 684 15.78 41.82 -3.54
CA LYS A 684 15.31 40.59 -2.91
C LYS A 684 14.57 39.71 -3.91
N ASP A 685 13.72 40.32 -4.75
CA ASP A 685 13.04 39.56 -5.79
C ASP A 685 14.02 39.03 -6.83
N GLY A 686 15.08 39.79 -7.13
CA GLY A 686 16.08 39.33 -8.07
C GLY A 686 16.82 38.10 -7.57
N VAL A 687 17.05 38.02 -6.27
CA VAL A 687 17.74 36.86 -5.70
C VAL A 687 16.91 35.60 -5.91
N LEU A 688 15.61 35.67 -5.62
CA LEU A 688 14.76 34.51 -5.80
C LEU A 688 14.44 34.25 -7.26
N GLU A 689 14.41 35.29 -8.09
CA GLU A 689 14.11 35.10 -9.50
C GLU A 689 15.18 34.27 -10.19
N GLU A 690 16.46 34.56 -9.89
CA GLU A 690 17.52 33.71 -10.40
C GLU A 690 17.57 32.37 -9.68
N GLN A 691 17.00 32.29 -8.47
CA GLN A 691 16.95 31.03 -7.76
C GLN A 691 15.90 30.09 -8.35
N ILE A 692 14.72 30.61 -8.68
CA ILE A 692 13.63 29.75 -9.15
C ILE A 692 13.96 29.17 -10.53
N GLU A 693 14.61 29.96 -11.38
CA GLU A 693 14.96 29.47 -12.71
C GLU A 693 15.94 28.30 -12.63
N ARG A 694 16.88 28.35 -11.68
CA ARG A 694 17.76 27.20 -11.46
C ARG A 694 16.97 25.98 -11.04
N LEU A 695 16.00 26.16 -10.14
CA LEU A 695 15.14 25.05 -9.75
C LEU A 695 14.32 24.54 -10.93
N GLN A 696 13.78 25.46 -11.73
CA GLN A 696 12.91 25.06 -12.83
C GLN A 696 13.67 24.22 -13.85
N GLU A 697 14.87 24.66 -14.23
CA GLU A 697 15.66 23.86 -15.16
C GLU A 697 16.12 22.57 -14.52
N LYS A 698 16.35 22.57 -13.20
CA LYS A 698 16.68 21.34 -12.50
C LYS A 698 15.54 20.35 -12.55
N VAL A 699 14.30 20.85 -12.41
CA VAL A 699 13.13 19.97 -12.50
C VAL A 699 13.07 19.32 -13.88
N GLU A 700 13.27 20.11 -14.93
CA GLU A 700 13.34 19.54 -16.27
C GLU A 700 14.49 18.55 -16.38
N SER A 701 15.63 18.87 -15.78
CA SER A 701 16.72 17.91 -15.71
C SER A 701 16.32 16.68 -14.91
N ALA A 702 15.64 16.89 -13.78
CA ALA A 702 15.20 15.75 -12.98
C ALA A 702 14.10 14.95 -13.68
N GLN A 703 13.12 15.65 -14.26
CA GLN A 703 12.04 14.94 -14.95
C GLN A 703 12.58 14.16 -16.14
N SER A 704 13.51 14.75 -16.90
CA SER A 704 14.13 14.03 -18.00
C SER A 704 14.86 12.80 -17.49
N GLU A 705 15.52 12.91 -16.34
CA GLU A 705 16.18 11.75 -15.75
C GLU A 705 15.16 10.68 -15.37
N GLN A 706 14.06 11.09 -14.73
CA GLN A 706 13.01 10.14 -14.38
C GLN A 706 12.38 9.54 -15.63
N LYS A 707 12.10 10.38 -16.63
CA LYS A 707 11.54 9.88 -17.88
C LYS A 707 12.49 8.90 -18.56
N ASN A 708 13.79 9.18 -18.50
CA ASN A 708 14.77 8.27 -19.09
C ASN A 708 14.75 6.93 -18.37
N LEU A 709 14.58 6.94 -17.05
CA LEU A 709 14.59 5.69 -16.30
C LEU A 709 13.50 4.74 -16.76
N PHE A 710 12.26 5.22 -16.85
CA PHE A 710 11.18 4.38 -17.33
C PHE A 710 11.40 3.98 -18.79
N LEU A 711 11.94 4.89 -19.59
CA LEU A 711 12.22 4.57 -20.98
C LEU A 711 13.22 3.43 -21.08
N VAL A 712 14.28 3.46 -20.26
CA VAL A 712 15.28 2.41 -20.31
C VAL A 712 14.67 1.07 -19.91
N ILE A 713 13.85 1.07 -18.84
CA ILE A 713 13.28 -0.18 -18.36
C ILE A 713 12.37 -0.79 -19.41
N PHE A 714 11.46 0.01 -19.96
CA PHE A 714 10.56 -0.50 -20.99
C PHE A 714 11.33 -0.93 -22.24
N GLN A 715 12.32 -0.11 -22.65
CA GLN A 715 13.13 -0.49 -23.81
C GLN A 715 13.88 -1.79 -23.55
N ARG A 716 14.45 -1.93 -22.35
CA ARG A 716 15.11 -3.18 -22.01
C ARG A 716 14.11 -4.31 -21.79
N PHE A 717 12.87 -3.99 -21.44
CA PHE A 717 11.87 -5.04 -21.25
C PHE A 717 11.42 -5.64 -22.58
N ILE A 718 11.41 -4.84 -23.64
CA ILE A 718 10.93 -5.33 -24.93
C ILE A 718 11.89 -6.36 -25.50
N MET A 719 13.19 -6.06 -25.48
CA MET A 719 14.15 -6.92 -26.18
C MET A 719 14.19 -8.32 -25.60
N ILE A 720 14.13 -8.44 -24.27
CA ILE A 720 14.17 -9.77 -23.66
C ILE A 720 12.93 -10.57 -24.02
N LEU A 721 11.75 -9.94 -23.95
CA LEU A 721 10.52 -10.65 -24.28
C LEU A 721 10.47 -11.03 -25.75
N THR A 722 10.87 -10.11 -26.64
CA THR A 722 10.86 -10.42 -28.07
C THR A 722 11.79 -11.59 -28.37
N GLU A 723 12.96 -11.62 -27.72
CA GLU A 723 13.87 -12.74 -27.92
C GLU A 723 13.22 -14.06 -27.52
N HIS A 724 12.50 -14.06 -26.40
CA HIS A 724 11.81 -15.27 -25.97
C HIS A 724 10.74 -15.67 -26.97
N LEU A 725 10.00 -14.70 -27.49
CA LEU A 725 8.90 -15.02 -28.40
C LEU A 725 9.39 -15.62 -29.70
N VAL A 726 10.43 -15.03 -30.30
CA VAL A 726 10.90 -15.52 -31.59
C VAL A 726 11.52 -16.90 -31.47
N ARG A 727 12.30 -17.13 -30.41
CA ARG A 727 12.95 -18.43 -30.27
C ARG A 727 11.93 -19.53 -30.00
N CYS A 728 10.88 -19.23 -29.24
CA CYS A 728 9.82 -20.21 -29.03
C CYS A 728 9.08 -20.49 -30.34
N GLU A 729 8.82 -19.46 -31.12
CA GLU A 729 8.21 -19.66 -32.43
C GLU A 729 9.13 -20.44 -33.36
N THR A 730 10.41 -20.09 -33.37
CA THR A 730 11.36 -20.79 -34.23
C THR A 730 11.48 -22.26 -33.84
N ASP A 731 11.57 -22.53 -32.54
CA ASP A 731 11.71 -23.90 -32.05
C ASP A 731 10.37 -24.61 -31.87
N GLY A 732 9.25 -23.89 -32.02
CA GLY A 732 7.96 -24.51 -31.90
C GLY A 732 7.47 -24.75 -30.48
N THR A 733 8.24 -24.35 -29.48
CA THR A 733 7.84 -24.57 -28.10
C THR A 733 6.69 -23.64 -27.73
N SER A 734 5.93 -24.06 -26.72
CA SER A 734 4.81 -23.25 -26.25
C SER A 734 5.30 -21.95 -25.63
N VAL A 735 4.58 -20.86 -25.92
CA VAL A 735 4.96 -19.57 -25.38
C VAL A 735 4.77 -19.55 -23.86
N LEU A 736 3.67 -20.12 -23.38
CA LEU A 736 3.34 -20.09 -21.96
C LEU A 736 4.32 -20.98 -21.19
N THR A 737 5.32 -20.37 -20.59
CA THR A 737 6.31 -21.04 -19.77
C THR A 737 6.38 -20.33 -18.43
N PRO A 738 6.79 -21.03 -17.37
CA PRO A 738 6.88 -20.37 -16.06
C PRO A 738 7.76 -19.14 -16.06
N TRP A 739 8.83 -19.14 -16.84
CA TRP A 739 9.65 -17.94 -16.94
C TRP A 739 8.90 -16.82 -17.64
N TYR A 740 8.26 -17.11 -18.77
CA TYR A 740 7.54 -16.08 -19.49
C TYR A 740 6.37 -15.54 -18.68
N LYS A 741 5.62 -16.43 -18.03
CA LYS A 741 4.48 -15.98 -17.24
C LYS A 741 4.91 -15.06 -16.11
N ASN A 742 6.00 -15.39 -15.42
CA ASN A 742 6.50 -14.51 -14.38
C ASN A 742 7.00 -13.19 -14.95
N CYS A 743 7.68 -13.24 -16.10
CA CYS A 743 8.27 -12.02 -16.64
C CYS A 743 7.21 -11.07 -17.17
N ILE A 744 6.20 -11.60 -17.87
CA ILE A 744 5.21 -10.73 -18.49
C ILE A 744 4.39 -10.01 -17.44
N GLU A 745 4.09 -10.69 -16.33
CA GLU A 745 3.30 -10.06 -15.27
C GLU A 745 4.09 -9.00 -14.52
N ARG A 746 5.42 -9.10 -14.50
CA ARG A 746 6.22 -8.02 -13.94
C ARG A 746 6.07 -6.75 -14.77
N LEU A 747 5.99 -6.88 -16.09
CA LEU A 747 5.75 -5.72 -16.93
C LEU A 747 4.43 -5.06 -16.60
N GLN A 748 3.40 -5.86 -16.34
CA GLN A 748 2.13 -5.30 -15.88
C GLN A 748 2.30 -4.61 -14.53
N GLN A 749 3.04 -5.23 -13.62
CA GLN A 749 3.12 -4.71 -12.26
C GLN A 749 3.78 -3.34 -12.22
N ILE A 750 4.86 -3.16 -12.97
CA ILE A 750 5.51 -1.85 -12.98
C ILE A 750 4.60 -0.80 -13.62
N PHE A 751 3.79 -1.20 -14.60
CA PHE A 751 2.79 -0.28 -15.14
C PHE A 751 1.77 0.11 -14.07
N LEU A 752 1.33 -0.86 -13.26
CA LEU A 752 0.28 -0.59 -12.29
C LEU A 752 0.76 0.30 -11.16
N GLN A 753 1.95 0.02 -10.62
CA GLN A 753 2.42 0.75 -9.44
C GLN A 753 2.79 2.19 -9.74
N HIS A 754 2.92 2.58 -11.01
CA HIS A 754 3.31 3.94 -11.34
C HIS A 754 2.50 4.49 -12.50
N HIS A 755 1.24 4.06 -12.63
CA HIS A 755 0.42 4.52 -13.74
C HIS A 755 0.26 6.03 -13.73
N GLN A 756 0.24 6.65 -12.56
CA GLN A 756 0.10 8.10 -12.48
C GLN A 756 1.27 8.80 -13.17
N ILE A 757 2.49 8.33 -12.91
CA ILE A 757 3.66 8.95 -13.54
C ILE A 757 3.69 8.63 -15.03
N ILE A 758 3.40 7.38 -15.39
CA ILE A 758 3.43 6.97 -16.80
C ILE A 758 2.37 7.69 -17.61
N GLN A 759 1.34 8.24 -16.96
CA GLN A 759 0.32 9.01 -17.67
C GLN A 759 0.94 10.15 -18.48
N GLN A 760 2.07 10.68 -18.01
CA GLN A 760 2.72 11.80 -18.69
C GLN A 760 3.52 11.37 -19.91
N TYR A 761 3.66 10.07 -20.15
CA TYR A 761 4.54 9.58 -21.22
C TYR A 761 3.76 8.82 -22.29
N MET A 762 2.46 9.10 -22.45
CA MET A 762 1.67 8.38 -23.44
C MET A 762 2.18 8.62 -24.86
N VAL A 763 2.51 9.88 -25.18
CA VAL A 763 2.98 10.19 -26.52
C VAL A 763 4.33 9.52 -26.80
N THR A 764 5.24 9.55 -25.82
CA THR A 764 6.56 9.00 -26.03
C THR A 764 6.50 7.48 -26.20
N LEU A 765 5.77 6.79 -25.33
CA LEU A 765 5.71 5.34 -25.40
C LEU A 765 5.05 4.88 -26.69
N GLU A 766 3.96 5.54 -27.09
CA GLU A 766 3.24 5.12 -28.29
C GLU A 766 4.10 5.31 -29.54
N ASN A 767 4.79 6.44 -29.65
CA ASN A 767 5.53 6.73 -30.87
C ASN A 767 6.83 5.95 -30.97
N LEU A 768 7.49 5.67 -29.86
CA LEU A 768 8.84 5.10 -29.88
C LEU A 768 8.86 3.62 -29.54
N LEU A 769 8.33 3.24 -28.39
CA LEU A 769 8.53 1.89 -27.87
C LEU A 769 7.38 0.95 -28.23
N PHE A 770 6.16 1.27 -27.77
CA PHE A 770 5.01 0.41 -28.02
C PHE A 770 4.35 0.86 -29.32
N THR A 771 4.68 0.18 -30.40
CA THR A 771 4.16 0.51 -31.73
C THR A 771 3.36 -0.66 -32.27
N ALA A 772 2.75 -0.44 -33.44
CA ALA A 772 1.95 -1.49 -34.07
C ALA A 772 2.81 -2.67 -34.49
N GLU A 773 4.04 -2.43 -34.93
CA GLU A 773 4.91 -3.50 -35.37
C GLU A 773 5.30 -4.44 -34.23
N LEU A 774 5.09 -4.02 -32.99
CA LEU A 774 5.44 -4.87 -31.84
C LEU A 774 4.54 -6.10 -31.80
N ASP A 775 5.04 -7.15 -31.16
CA ASP A 775 4.29 -8.38 -31.05
C ASP A 775 3.00 -8.13 -30.26
N PRO A 776 1.88 -8.74 -30.68
CA PRO A 776 0.62 -8.50 -29.96
C PRO A 776 0.67 -8.89 -28.49
N HIS A 777 1.42 -9.92 -28.13
CA HIS A 777 1.50 -10.32 -26.73
C HIS A 777 2.06 -9.20 -25.87
N ILE A 778 3.14 -8.57 -26.32
CA ILE A 778 3.72 -7.45 -25.58
C ILE A 778 2.81 -6.23 -25.67
N LEU A 779 2.31 -5.94 -26.87
CA LEU A 779 1.50 -4.73 -27.05
C LEU A 779 0.20 -4.81 -26.27
N ALA A 780 -0.35 -6.01 -26.10
CA ALA A 780 -1.60 -6.16 -25.35
C ALA A 780 -1.48 -5.60 -23.95
N VAL A 781 -0.29 -5.68 -23.34
CA VAL A 781 -0.09 -5.10 -22.02
C VAL A 781 -0.28 -3.59 -22.07
N PHE A 782 0.28 -2.95 -23.08
CA PHE A 782 0.05 -1.52 -23.24
C PHE A 782 -1.38 -1.23 -23.69
N GLN A 783 -2.00 -2.15 -24.43
CA GLN A 783 -3.37 -1.94 -24.88
C GLN A 783 -4.32 -1.81 -23.69
N GLN A 784 -4.17 -2.67 -22.69
CA GLN A 784 -5.04 -2.59 -21.52
C GLN A 784 -4.65 -1.46 -20.58
N PHE A 785 -3.36 -1.14 -20.49
CA PHE A 785 -2.94 -0.08 -19.57
C PHE A 785 -3.49 1.28 -20.00
N CYS A 786 -3.40 1.60 -21.29
CA CYS A 786 -3.94 2.88 -21.75
C CYS A 786 -5.44 2.93 -21.57
N ALA A 787 -6.14 1.82 -21.83
CA ALA A 787 -7.58 1.75 -21.62
C ALA A 787 -7.94 1.58 -20.15
N LEU A 788 -6.95 1.32 -19.28
CA LEU A 788 -7.24 1.17 -17.86
C LEU A 788 -7.80 2.46 -17.28
N GLN A 789 -7.18 3.60 -17.61
CA GLN A 789 -7.65 4.88 -17.11
C GLN A 789 -8.36 5.70 -18.16
N ALA A 790 -7.95 5.62 -19.41
CA ALA A 790 -8.61 6.35 -20.48
C ALA A 790 -9.64 5.48 -21.17
N LEU B 5 -13.65 17.34 8.25
CA LEU B 5 -13.20 16.21 9.08
C LEU B 5 -14.19 15.92 10.20
N LEU B 6 -13.93 14.85 10.93
CA LEU B 6 -14.76 14.45 12.06
C LEU B 6 -13.87 14.17 13.26
N LYS B 7 -14.39 14.51 14.44
CA LYS B 7 -13.60 14.36 15.66
C LYS B 7 -13.26 12.89 15.94
N ALA B 8 -14.24 12.00 15.77
CA ALA B 8 -14.01 10.59 16.10
C ALA B 8 -13.09 9.92 15.11
N LEU B 9 -13.30 10.16 13.81
CA LEU B 9 -12.50 9.48 12.79
C LEU B 9 -11.03 9.91 12.85
N ARG B 10 -10.78 11.18 13.12
CA ARG B 10 -9.41 11.68 13.15
C ARG B 10 -8.61 11.11 14.32
N SER B 11 -9.27 10.52 15.31
CA SER B 11 -8.57 9.96 16.44
C SER B 11 -7.70 8.78 16.03
N ASP B 12 -6.47 8.76 16.53
CA ASP B 12 -5.56 7.65 16.28
C ASP B 12 -4.62 7.54 17.48
N SER B 13 -4.94 6.65 18.40
CA SER B 13 -4.17 6.50 19.63
C SER B 13 -2.93 5.63 19.44
N TYR B 14 -2.18 5.93 18.38
CA TYR B 14 -0.88 5.29 18.18
C TYR B 14 0.22 6.25 17.76
N VAL B 15 -0.10 7.41 17.18
CA VAL B 15 0.92 8.35 16.75
C VAL B 15 1.32 9.31 17.87
N GLU B 16 0.42 9.54 18.83
CA GLU B 16 0.70 10.46 19.92
C GLU B 16 1.86 9.96 20.77
N LEU B 17 2.64 10.90 21.27
CA LEU B 17 3.82 10.55 22.06
C LEU B 17 3.40 9.97 23.41
N SER B 18 4.26 9.10 23.93
CA SER B 18 4.04 8.52 25.26
C SER B 18 4.53 9.49 26.33
N GLN B 19 4.33 9.10 27.59
CA GLN B 19 4.76 9.94 28.70
C GLN B 19 6.26 9.94 28.92
N TYR B 20 7.00 9.07 28.23
CA TYR B 20 8.44 9.00 28.41
C TYR B 20 9.11 10.28 27.93
N ARG B 21 10.11 10.72 28.68
CA ARG B 21 10.96 11.84 28.28
C ARG B 21 12.41 11.48 28.58
N ASP B 22 13.31 12.00 27.76
CA ASP B 22 14.75 11.80 27.97
C ASP B 22 15.25 12.90 28.91
N GLN B 23 15.52 12.53 30.16
CA GLN B 23 16.00 13.51 31.12
C GLN B 23 17.39 14.02 30.78
N HIS B 24 18.16 13.28 29.98
CA HIS B 24 19.46 13.76 29.54
C HIS B 24 19.37 14.84 28.47
N PHE B 25 18.19 15.10 27.92
CA PHE B 25 18.05 16.10 26.88
C PHE B 25 18.32 17.49 27.45
N ARG B 26 18.96 18.34 26.63
CA ARG B 26 19.27 19.71 27.02
C ARG B 26 18.13 20.61 26.55
N GLY B 27 17.28 21.00 27.48
CA GLY B 27 16.13 21.82 27.17
C GLY B 27 14.95 21.45 28.06
N ASP B 28 13.94 22.31 28.03
CA ASP B 28 12.77 22.10 28.85
C ASP B 28 11.83 21.09 28.19
N ASN B 29 10.70 20.83 28.84
CA ASN B 29 9.76 19.82 28.34
C ASN B 29 9.20 20.20 26.99
N GLU B 30 8.85 21.47 26.81
CA GLU B 30 8.20 21.89 25.57
C GLU B 30 9.11 21.70 24.36
N GLU B 31 10.43 21.74 24.55
CA GLU B 31 11.34 21.52 23.44
C GLU B 31 11.16 20.13 22.85
N GLN B 32 11.06 19.12 23.70
CA GLN B 32 10.75 17.78 23.21
C GLN B 32 9.38 17.74 22.57
N GLU B 33 8.39 18.39 23.19
CA GLU B 33 7.02 18.34 22.69
C GLU B 33 6.96 18.78 21.23
N LYS B 34 7.60 19.91 20.91
CA LYS B 34 7.64 20.33 19.52
C LYS B 34 8.57 19.47 18.68
N LEU B 35 9.69 19.01 19.26
CA LEU B 35 10.64 18.21 18.49
C LEU B 35 10.11 16.81 18.24
N LEU B 36 9.44 16.21 19.24
CA LEU B 36 8.90 14.86 19.06
C LEU B 36 7.86 14.83 17.96
N LYS B 37 7.01 15.86 17.89
CA LYS B 37 5.96 15.87 16.88
C LYS B 37 6.54 15.88 15.47
N LYS B 38 7.55 16.71 15.22
CA LYS B 38 8.25 16.69 13.94
C LYS B 38 9.57 15.93 14.09
N SER B 39 9.44 14.61 14.17
CA SER B 39 10.59 13.74 14.32
C SER B 39 10.41 12.50 13.45
N CYS B 40 11.52 11.97 12.96
CA CYS B 40 11.50 10.79 12.11
C CYS B 40 12.26 9.62 12.71
N THR B 41 12.59 9.67 13.99
CA THR B 41 13.32 8.61 14.67
C THR B 41 12.46 8.04 15.78
N LEU B 42 12.40 6.72 15.86
CA LEU B 42 11.62 6.05 16.90
C LEU B 42 12.47 4.99 17.57
N TYR B 43 12.13 4.70 18.82
CA TYR B 43 12.88 3.79 19.68
C TYR B 43 12.08 2.53 19.91
N VAL B 44 12.74 1.38 19.83
CA VAL B 44 12.12 0.09 20.08
C VAL B 44 12.57 -0.40 21.45
N GLY B 45 11.94 -1.48 21.92
CA GLY B 45 12.19 -1.96 23.26
C GLY B 45 12.21 -3.47 23.33
N ASN B 46 12.91 -3.95 24.36
CA ASN B 46 12.99 -5.37 24.74
C ASN B 46 13.12 -6.30 23.54
N LEU B 47 14.10 -6.00 22.70
CA LEU B 47 14.51 -6.97 21.68
C LEU B 47 15.31 -8.09 22.32
N SER B 48 15.34 -9.23 21.65
CA SER B 48 16.19 -10.33 22.11
C SER B 48 17.66 -9.96 21.94
N PHE B 49 18.48 -10.41 22.88
CA PHE B 49 19.91 -10.16 22.77
C PHE B 49 20.50 -10.80 21.52
N TYR B 50 19.93 -11.91 21.07
CA TYR B 50 20.43 -12.62 19.91
C TYR B 50 19.94 -12.03 18.59
N THR B 51 19.09 -11.00 18.63
CA THR B 51 18.63 -10.40 17.40
C THR B 51 19.78 -9.70 16.69
N THR B 52 19.60 -9.46 15.40
CA THR B 52 20.65 -8.90 14.57
C THR B 52 20.12 -7.68 13.82
N GLU B 53 21.06 -6.89 13.31
CA GLU B 53 20.71 -5.69 12.56
C GLU B 53 19.92 -6.02 11.31
N GLU B 54 20.14 -7.20 10.73
CA GLU B 54 19.42 -7.59 9.52
C GLU B 54 17.94 -7.80 9.80
N GLN B 55 17.61 -8.46 10.90
CA GLN B 55 16.22 -8.78 11.19
C GLN B 55 15.39 -7.52 11.38
N ILE B 56 15.88 -6.60 12.22
CA ILE B 56 15.13 -5.38 12.48
C ILE B 56 14.98 -4.56 11.22
N TYR B 57 16.00 -4.55 10.36
CA TYR B 57 15.88 -3.84 9.09
C TYR B 57 14.80 -4.45 8.22
N GLU B 58 14.73 -5.78 8.16
CA GLU B 58 13.72 -6.43 7.34
C GLU B 58 12.32 -6.15 7.85
N LEU B 59 12.12 -6.22 9.16
CA LEU B 59 10.78 -6.03 9.71
C LEU B 59 10.28 -4.62 9.45
N PHE B 60 11.09 -3.61 9.76
CA PHE B 60 10.66 -2.24 9.63
C PHE B 60 10.71 -1.73 8.20
N SER B 61 11.37 -2.44 7.29
CA SER B 61 11.33 -2.05 5.89
C SER B 61 9.96 -2.20 5.29
N LYS B 62 9.08 -2.98 5.92
CA LYS B 62 7.72 -3.13 5.41
C LYS B 62 6.97 -1.80 5.43
N SER B 63 7.13 -1.02 6.49
CA SER B 63 6.49 0.29 6.55
C SER B 63 7.06 1.21 5.47
N GLY B 64 8.36 1.18 5.26
CA GLY B 64 8.99 2.02 4.26
C GLY B 64 10.49 1.94 4.35
N ASP B 65 11.14 2.82 3.58
CA ASP B 65 12.59 2.82 3.52
C ASP B 65 13.19 3.36 4.82
N ILE B 66 14.43 2.95 5.09
CA ILE B 66 15.15 3.30 6.31
C ILE B 66 16.38 4.10 5.92
N LYS B 67 16.68 5.14 6.69
CA LYS B 67 17.91 5.89 6.46
C LYS B 67 19.08 5.30 7.23
N LYS B 68 18.88 5.04 8.52
CA LYS B 68 19.97 4.51 9.34
C LYS B 68 19.38 3.82 10.56
N ILE B 69 20.01 2.73 10.97
CA ILE B 69 19.64 1.99 12.17
C ILE B 69 20.82 2.01 13.13
N ILE B 70 20.57 2.40 14.37
CA ILE B 70 21.60 2.47 15.39
C ILE B 70 21.32 1.39 16.41
N MET B 71 22.19 0.40 16.48
CA MET B 71 22.04 -0.68 17.45
C MET B 71 22.34 -0.16 18.86
N GLY B 72 21.62 -0.71 19.84
CA GLY B 72 21.86 -0.35 21.21
C GLY B 72 22.89 -1.23 21.88
N LEU B 73 24.12 -0.75 22.00
CA LEU B 73 25.21 -1.52 22.54
C LEU B 73 25.38 -1.26 24.04
N ASP B 74 26.06 -2.17 24.70
CA ASP B 74 26.34 -2.03 26.12
C ASP B 74 27.38 -0.94 26.36
N LYS B 75 27.32 -0.35 27.56
CA LYS B 75 28.28 0.69 27.90
C LYS B 75 29.71 0.16 27.93
N MET B 76 29.90 -1.03 28.49
CA MET B 76 31.23 -1.63 28.61
C MET B 76 31.39 -2.92 27.83
N LYS B 77 30.38 -3.78 27.83
CA LYS B 77 30.48 -5.04 27.10
C LYS B 77 30.48 -4.84 25.59
N LYS B 78 30.06 -3.66 25.12
CA LYS B 78 29.98 -3.37 23.69
C LYS B 78 29.11 -4.40 22.97
N THR B 79 28.03 -4.81 23.64
CA THR B 79 27.14 -5.84 23.15
C THR B 79 25.71 -5.32 23.13
N ALA B 80 24.90 -5.88 22.23
CA ALA B 80 23.52 -5.44 22.09
C ALA B 80 22.75 -5.62 23.39
N CYS B 81 21.95 -4.63 23.74
CA CYS B 81 21.13 -4.66 24.94
C CYS B 81 19.64 -4.75 24.62
N GLY B 82 19.31 -5.32 23.46
CA GLY B 82 17.92 -5.52 23.09
C GLY B 82 17.13 -4.25 22.83
N PHE B 83 17.73 -3.27 22.15
CA PHE B 83 17.01 -2.09 21.72
C PHE B 83 17.81 -1.43 20.61
N CYS B 84 17.12 -0.62 19.81
CA CYS B 84 17.78 0.08 18.72
C CYS B 84 16.94 1.27 18.30
N PHE B 85 17.57 2.19 17.60
CA PHE B 85 16.91 3.37 17.05
C PHE B 85 16.79 3.22 15.54
N VAL B 86 15.62 3.55 15.00
CA VAL B 86 15.34 3.44 13.58
C VAL B 86 14.91 4.81 13.08
N GLU B 87 15.54 5.27 12.00
CA GLU B 87 15.29 6.60 11.46
C GLU B 87 14.77 6.47 10.03
N TYR B 88 13.64 7.11 9.77
CA TYR B 88 13.03 7.11 8.45
C TYR B 88 13.29 8.44 7.75
N TYR B 89 13.14 8.44 6.42
CA TYR B 89 13.34 9.67 5.67
C TYR B 89 12.19 10.64 5.85
N SER B 90 10.96 10.15 5.92
CA SER B 90 9.78 10.99 6.02
C SER B 90 8.99 10.63 7.28
N ARG B 91 8.43 11.66 7.91
CA ARG B 91 7.63 11.44 9.11
C ARG B 91 6.42 10.57 8.81
N ALA B 92 5.75 10.81 7.69
CA ALA B 92 4.55 10.04 7.36
C ALA B 92 4.86 8.55 7.27
N ASP B 93 6.03 8.21 6.71
CA ASP B 93 6.42 6.80 6.65
C ASP B 93 6.63 6.22 8.04
N ALA B 94 7.27 6.99 8.94
CA ALA B 94 7.55 6.49 10.27
C ALA B 94 6.27 6.25 11.07
N GLU B 95 5.22 7.03 10.80
CA GLU B 95 3.97 6.85 11.53
C GLU B 95 3.37 5.47 11.28
N ASN B 96 3.45 4.99 10.03
CA ASN B 96 2.89 3.69 9.71
C ASN B 96 3.56 2.59 10.50
N ALA B 97 4.89 2.67 10.66
CA ALA B 97 5.59 1.69 11.47
C ALA B 97 5.11 1.74 12.92
N MET B 98 4.92 2.94 13.45
CA MET B 98 4.40 3.08 14.82
C MET B 98 2.97 2.57 14.93
N ARG B 99 2.17 2.76 13.88
CA ARG B 99 0.76 2.39 13.98
C ARG B 99 0.56 0.88 13.92
N TYR B 100 1.36 0.18 13.12
CA TYR B 100 1.10 -1.22 12.83
C TYR B 100 2.18 -2.16 13.33
N ILE B 101 3.45 -1.85 13.06
CA ILE B 101 4.52 -2.77 13.46
C ILE B 101 4.66 -2.82 14.97
N ASN B 102 4.34 -1.72 15.66
CA ASN B 102 4.42 -1.71 17.11
C ASN B 102 3.50 -2.76 17.71
N GLY B 103 3.98 -3.45 18.73
CA GLY B 103 3.22 -4.49 19.37
C GLY B 103 3.19 -5.82 18.64
N THR B 104 3.89 -5.93 17.52
CA THR B 104 3.92 -7.16 16.75
C THR B 104 5.11 -8.01 17.18
N ARG B 105 4.88 -9.31 17.29
CA ARG B 105 5.91 -10.22 17.76
C ARG B 105 7.06 -10.30 16.75
N LEU B 106 8.29 -10.23 17.25
CA LEU B 106 9.48 -10.39 16.43
C LEU B 106 10.44 -11.34 17.11
N ASP B 107 10.90 -12.35 16.38
CA ASP B 107 11.77 -13.38 16.92
C ASP B 107 11.15 -14.00 18.17
N ASP B 108 9.85 -14.30 18.06
CA ASP B 108 9.07 -14.85 19.17
C ASP B 108 9.12 -13.94 20.39
N ARG B 109 9.18 -12.63 20.16
CA ARG B 109 9.24 -11.65 21.24
C ARG B 109 8.42 -10.43 20.86
N ILE B 110 7.52 -10.03 21.75
CA ILE B 110 6.73 -8.82 21.53
C ILE B 110 7.63 -7.61 21.67
N ILE B 111 7.52 -6.67 20.74
CA ILE B 111 8.32 -5.45 20.76
C ILE B 111 7.41 -4.27 21.04
N ARG B 112 8.03 -3.18 21.51
CA ARG B 112 7.33 -1.95 21.84
C ARG B 112 8.09 -0.78 21.25
N THR B 113 7.39 0.11 20.56
CA THR B 113 8.01 1.24 19.89
C THR B 113 7.51 2.56 20.49
N ASP B 114 8.36 3.58 20.40
CA ASP B 114 8.03 4.90 20.91
C ASP B 114 8.85 5.93 20.16
N TRP B 115 8.29 7.13 20.03
CA TRP B 115 8.97 8.20 19.32
C TRP B 115 10.22 8.64 20.08
N ASP B 116 11.16 9.23 19.34
CA ASP B 116 12.39 9.72 19.93
C ASP B 116 12.69 11.11 19.42
N ALA B 117 13.38 11.90 20.26
CA ALA B 117 13.72 13.28 19.92
C ALA B 117 14.80 13.38 18.86
N GLY B 118 15.44 12.28 18.49
CA GLY B 118 16.50 12.32 17.51
C GLY B 118 17.80 11.75 18.04
N PHE B 119 18.57 11.09 17.18
CA PHE B 119 19.80 10.47 17.62
C PHE B 119 20.87 11.51 17.94
N LYS B 120 21.64 11.23 18.98
CA LYS B 120 22.80 12.04 19.36
C LYS B 120 23.96 11.11 19.66
N GLU B 121 25.17 11.67 19.55
CA GLU B 121 26.36 10.87 19.81
C GLU B 121 26.40 10.42 21.26
N GLY B 122 26.73 9.15 21.47
CA GLY B 122 26.78 8.59 22.80
C GLY B 122 25.44 8.23 23.41
N ARG B 123 24.34 8.43 22.67
CA ARG B 123 23.02 8.16 23.20
C ARG B 123 22.61 6.69 23.06
N GLN B 124 23.35 5.90 22.28
CA GLN B 124 22.97 4.51 22.05
C GLN B 124 23.41 3.58 23.17
N TYR B 125 24.23 4.03 24.10
CA TYR B 125 24.68 3.18 25.19
C TYR B 125 23.63 3.10 26.29
N GLY B 126 23.49 1.90 26.85
CA GLY B 126 22.55 1.73 27.95
C GLY B 126 22.96 2.55 29.16
N ARG B 127 21.96 3.17 29.79
CA ARG B 127 22.19 4.05 30.93
C ARG B 127 22.08 3.32 32.27
N GLY B 128 21.87 2.01 32.26
CA GLY B 128 21.81 1.28 33.50
C GLY B 128 23.14 1.23 34.21
N ARG B 129 23.09 0.97 35.51
CA ARG B 129 24.31 0.93 36.31
C ARG B 129 25.24 -0.19 35.85
N SER B 130 24.68 -1.36 35.55
CA SER B 130 25.50 -2.46 35.05
C SER B 130 26.07 -2.16 33.68
N GLY B 131 25.34 -1.42 32.85
CA GLY B 131 25.80 -1.09 31.51
C GLY B 131 24.70 -1.19 30.48
N GLY B 132 23.69 -2.01 30.76
CA GLY B 132 22.57 -2.19 29.87
C GLY B 132 21.46 -1.18 30.14
N GLN B 133 20.25 -1.58 29.76
CA GLN B 133 19.08 -0.74 30.03
C GLN B 133 18.76 -0.73 31.52
N VAL B 134 18.21 0.40 31.97
CA VAL B 134 17.90 0.56 33.39
C VAL B 134 16.89 -0.49 33.85
N ARG B 135 15.93 -0.82 32.99
CA ARG B 135 14.92 -1.81 33.34
C ARG B 135 15.51 -3.18 33.62
N ASP B 136 16.73 -3.46 33.12
CA ASP B 136 17.33 -4.75 33.35
C ASP B 136 17.61 -5.00 34.83
N GLU B 137 18.11 -3.97 35.53
CA GLU B 137 18.43 -4.14 36.94
C GLU B 137 17.18 -4.45 37.77
N TYR B 138 16.09 -3.73 37.51
CA TYR B 138 14.87 -3.96 38.25
C TYR B 138 14.17 -5.26 37.85
N ARG B 139 14.53 -5.81 36.69
CA ARG B 139 13.93 -7.06 36.24
C ARG B 139 14.33 -8.21 37.16
N GLN B 140 13.41 -9.14 37.37
CA GLN B 140 13.63 -10.21 38.34
C GLN B 140 13.44 -11.59 37.71
N ASP B 141 12.53 -11.70 36.75
CA ASP B 141 12.20 -13.01 36.19
C ASP B 141 13.33 -13.52 35.30
N TYR B 142 13.20 -14.78 34.88
CA TYR B 142 14.21 -15.47 34.09
C TYR B 142 13.78 -15.46 32.62
N ASP B 143 14.66 -14.95 31.76
CA ASP B 143 14.39 -14.92 30.32
C ASP B 143 15.70 -15.06 29.56
N ALA B 144 15.75 -16.03 28.64
CA ALA B 144 16.97 -16.26 27.88
C ALA B 144 17.21 -15.14 26.87
N GLY B 145 16.15 -14.52 26.35
CA GLY B 145 16.33 -13.46 25.37
C GLY B 145 17.09 -12.27 25.91
N ARG B 146 17.03 -12.05 27.23
CA ARG B 146 17.73 -10.94 27.87
C ARG B 146 18.90 -11.42 28.72
N GLY B 147 19.42 -12.61 28.44
CA GLY B 147 20.56 -13.11 29.19
C GLY B 147 20.31 -13.37 30.65
N GLY B 148 19.15 -13.93 30.99
CA GLY B 148 18.85 -14.27 32.36
C GLY B 148 18.43 -13.11 33.22
N TYR B 149 18.93 -13.06 34.45
CA TYR B 149 18.53 -12.02 35.40
C TYR B 149 19.40 -10.78 35.25
#